data_1MAR
# 
_entry.id   1MAR 
# 
_audit_conform.dict_name       mmcif_pdbx.dic 
_audit_conform.dict_version    5.386 
_audit_conform.dict_location   http://mmcif.pdb.org/dictionaries/ascii/mmcif_pdbx.dic 
# 
loop_
_database_2.database_id 
_database_2.database_code 
_database_2.pdbx_database_accession 
_database_2.pdbx_DOI 
PDB   1MAR         pdb_00001mar 10.2210/pdb1mar/pdb 
WWPDB D_1000174908 ?            ?                   
# 
loop_
_pdbx_audit_revision_history.ordinal 
_pdbx_audit_revision_history.data_content_type 
_pdbx_audit_revision_history.major_revision 
_pdbx_audit_revision_history.minor_revision 
_pdbx_audit_revision_history.revision_date 
1 'Structure model' 1 0 1995-07-20 
2 'Structure model' 1 1 2008-03-24 
3 'Structure model' 1 2 2011-07-13 
4 'Structure model' 1 3 2024-02-14 
# 
_pdbx_audit_revision_details.ordinal             1 
_pdbx_audit_revision_details.revision_ordinal    1 
_pdbx_audit_revision_details.data_content_type   'Structure model' 
_pdbx_audit_revision_details.provider            repository 
_pdbx_audit_revision_details.type                'Initial release' 
_pdbx_audit_revision_details.description         ? 
_pdbx_audit_revision_details.details             ? 
# 
loop_
_pdbx_audit_revision_group.ordinal 
_pdbx_audit_revision_group.revision_ordinal 
_pdbx_audit_revision_group.data_content_type 
_pdbx_audit_revision_group.group 
1 2 'Structure model' 'Version format compliance' 
2 3 'Structure model' 'Version format compliance' 
3 4 'Structure model' 'Data collection'           
4 4 'Structure model' 'Database references'       
5 4 'Structure model' 'Derived calculations'      
6 4 'Structure model' Other                       
# 
loop_
_pdbx_audit_revision_category.ordinal 
_pdbx_audit_revision_category.revision_ordinal 
_pdbx_audit_revision_category.data_content_type 
_pdbx_audit_revision_category.category 
1 4 'Structure model' chem_comp_atom       
2 4 'Structure model' chem_comp_bond       
3 4 'Structure model' database_2           
4 4 'Structure model' pdbx_database_status 
5 4 'Structure model' struct_site          
# 
loop_
_pdbx_audit_revision_item.ordinal 
_pdbx_audit_revision_item.revision_ordinal 
_pdbx_audit_revision_item.data_content_type 
_pdbx_audit_revision_item.item 
1 4 'Structure model' '_database_2.pdbx_DOI'                
2 4 'Structure model' '_database_2.pdbx_database_accession' 
3 4 'Structure model' '_pdbx_database_status.process_site'  
4 4 'Structure model' '_struct_site.pdbx_auth_asym_id'      
5 4 'Structure model' '_struct_site.pdbx_auth_comp_id'      
6 4 'Structure model' '_struct_site.pdbx_auth_seq_id'       
# 
_pdbx_database_status.status_code                     REL 
_pdbx_database_status.entry_id                        1MAR 
_pdbx_database_status.recvd_initial_deposition_date   1993-07-20 
_pdbx_database_status.deposit_site                    ? 
_pdbx_database_status.process_site                    BNL 
_pdbx_database_status.SG_entry                        . 
_pdbx_database_status.pdb_format_compatible           Y 
_pdbx_database_status.status_code_mr                  ? 
_pdbx_database_status.status_code_sf                  ? 
_pdbx_database_status.status_code_cs                  ? 
_pdbx_database_status.status_code_nmr_data            ? 
_pdbx_database_status.methods_development_category    ? 
# 
loop_
_audit_author.name 
_audit_author.pdbx_ordinal 
'Wilson, D.K.'  1 
'Quiocho, F.A.' 2 
# 
loop_
_citation.id 
_citation.title 
_citation.journal_abbrev 
_citation.journal_volume 
_citation.page_first 
_citation.page_last 
_citation.year 
_citation.journal_id_ASTM 
_citation.country 
_citation.journal_id_ISSN 
_citation.journal_id_CSD 
_citation.book_publisher 
_citation.pdbx_database_id_PubMed 
_citation.pdbx_database_id_DOI 
primary 'Refined 1.8 A structure of human aldose reductase complexed with the potent inhibitor zopolrestat.' 
Proc.Natl.Acad.Sci.USA 90  9847 9851 1993 PNASA6 US 0027-8424 0040 ? 8234324 10.1073/pnas.90.21.9847 
1       
;An Unlikely Sugar Substrate Site in the 1.65 Angstroms Structure of the Human Aldose Reductase Holoenzyme Implicated in Diabetic Complications
;
Science                257 81   ?    1992 SCIEAS US 0036-8075 0038 ? ?       ?                       
# 
loop_
_citation_author.citation_id 
_citation_author.name 
_citation_author.ordinal 
_citation_author.identifier_ORCID 
primary 'Wilson, D.K.'  1 ? 
primary 'Tarle, I.'     2 ? 
primary 'Petrash, J.M.' 3 ? 
primary 'Quiocho, F.A.' 4 ? 
1       'Wilson, D.K.'  5 ? 
1       'Bohren, K.M.'  6 ? 
1       'Gabbay, K.H.'  7 ? 
1       'Quiocho, F.A.' 8 ? 
# 
loop_
_entity.id 
_entity.type 
_entity.src_method 
_entity.pdbx_description 
_entity.formula_weight 
_entity.pdbx_number_of_molecules 
_entity.pdbx_ec 
_entity.pdbx_mutation 
_entity.pdbx_fragment 
_entity.details 
1 polymer     man 'ALDOSE REDUCTASE'                                                                           35767.145 1 
1.1.1.21 ? ? ? 
2 non-polymer syn 'NADP NICOTINAMIDE-ADENINE-DINUCLEOTIDE PHOSPHATE'                                           743.405   1 ? ? ? ? 
3 non-polymer syn '3,4-DIHYDRO-4-OXO-3-((5-TRIFLUOROMETHYL-2-BENZOTHIAZOLYL)METHYL)-1-PHTHALAZINE ACETIC ACID' 419.377   1 ? ? ? ? 
# 
_entity_poly.entity_id                      1 
_entity_poly.type                           'polypeptide(L)' 
_entity_poly.nstd_linkage                   no 
_entity_poly.nstd_monomer                   no 
_entity_poly.pdbx_seq_one_letter_code       
;ASRLLLNNGAKMPILGLGTWKSPPGQVTEAVKVAIDVGYRHIDCAHVYQNENEVGVAIQEKLREQVVKREELFIVSKLWC
TYHEKGLVKGACQKTLSDLKLDYLDLYLIHWPTGFKPGKEFFPLDESGNVVPSDTNILDTWAAMEELVDEGLVKAIGISN
FNHLQVEMILNKPGLKYKPAVNQIECHPYLTQEKLIQYCQSKGIVVTAYSPLGSPDRPWAKPEDPSLLEDPRIKAIAAKH
NKTTAQVLIRFPMQRNLVVIPKSVTPERIAENFKVFDFELSSQDMTTLLSYNRNWRVCALLSCTSHKDYPFHEEF
;
_entity_poly.pdbx_seq_one_letter_code_can   
;ASRLLLNNGAKMPILGLGTWKSPPGQVTEAVKVAIDVGYRHIDCAHVYQNENEVGVAIQEKLREQVVKREELFIVSKLWC
TYHEKGLVKGACQKTLSDLKLDYLDLYLIHWPTGFKPGKEFFPLDESGNVVPSDTNILDTWAAMEELVDEGLVKAIGISN
FNHLQVEMILNKPGLKYKPAVNQIECHPYLTQEKLIQYCQSKGIVVTAYSPLGSPDRPWAKPEDPSLLEDPRIKAIAAKH
NKTTAQVLIRFPMQRNLVVIPKSVTPERIAENFKVFDFELSSQDMTTLLSYNRNWRVCALLSCTSHKDYPFHEEF
;
_entity_poly.pdbx_strand_id                 A 
_entity_poly.pdbx_target_identifier         ? 
# 
loop_
_pdbx_entity_nonpoly.entity_id 
_pdbx_entity_nonpoly.name 
_pdbx_entity_nonpoly.comp_id 
2 'NADP NICOTINAMIDE-ADENINE-DINUCLEOTIDE PHOSPHATE'                                           NAP 
3 '3,4-DIHYDRO-4-OXO-3-((5-TRIFLUOROMETHYL-2-BENZOTHIAZOLYL)METHYL)-1-PHTHALAZINE ACETIC ACID' ZST 
# 
loop_
_entity_poly_seq.entity_id 
_entity_poly_seq.num 
_entity_poly_seq.mon_id 
_entity_poly_seq.hetero 
1 1   ALA n 
1 2   SER n 
1 3   ARG n 
1 4   LEU n 
1 5   LEU n 
1 6   LEU n 
1 7   ASN n 
1 8   ASN n 
1 9   GLY n 
1 10  ALA n 
1 11  LYS n 
1 12  MET n 
1 13  PRO n 
1 14  ILE n 
1 15  LEU n 
1 16  GLY n 
1 17  LEU n 
1 18  GLY n 
1 19  THR n 
1 20  TRP n 
1 21  LYS n 
1 22  SER n 
1 23  PRO n 
1 24  PRO n 
1 25  GLY n 
1 26  GLN n 
1 27  VAL n 
1 28  THR n 
1 29  GLU n 
1 30  ALA n 
1 31  VAL n 
1 32  LYS n 
1 33  VAL n 
1 34  ALA n 
1 35  ILE n 
1 36  ASP n 
1 37  VAL n 
1 38  GLY n 
1 39  TYR n 
1 40  ARG n 
1 41  HIS n 
1 42  ILE n 
1 43  ASP n 
1 44  CYS n 
1 45  ALA n 
1 46  HIS n 
1 47  VAL n 
1 48  TYR n 
1 49  GLN n 
1 50  ASN n 
1 51  GLU n 
1 52  ASN n 
1 53  GLU n 
1 54  VAL n 
1 55  GLY n 
1 56  VAL n 
1 57  ALA n 
1 58  ILE n 
1 59  GLN n 
1 60  GLU n 
1 61  LYS n 
1 62  LEU n 
1 63  ARG n 
1 64  GLU n 
1 65  GLN n 
1 66  VAL n 
1 67  VAL n 
1 68  LYS n 
1 69  ARG n 
1 70  GLU n 
1 71  GLU n 
1 72  LEU n 
1 73  PHE n 
1 74  ILE n 
1 75  VAL n 
1 76  SER n 
1 77  LYS n 
1 78  LEU n 
1 79  TRP n 
1 80  CYS n 
1 81  THR n 
1 82  TYR n 
1 83  HIS n 
1 84  GLU n 
1 85  LYS n 
1 86  GLY n 
1 87  LEU n 
1 88  VAL n 
1 89  LYS n 
1 90  GLY n 
1 91  ALA n 
1 92  CYS n 
1 93  GLN n 
1 94  LYS n 
1 95  THR n 
1 96  LEU n 
1 97  SER n 
1 98  ASP n 
1 99  LEU n 
1 100 LYS n 
1 101 LEU n 
1 102 ASP n 
1 103 TYR n 
1 104 LEU n 
1 105 ASP n 
1 106 LEU n 
1 107 TYR n 
1 108 LEU n 
1 109 ILE n 
1 110 HIS n 
1 111 TRP n 
1 112 PRO n 
1 113 THR n 
1 114 GLY n 
1 115 PHE n 
1 116 LYS n 
1 117 PRO n 
1 118 GLY n 
1 119 LYS n 
1 120 GLU n 
1 121 PHE n 
1 122 PHE n 
1 123 PRO n 
1 124 LEU n 
1 125 ASP n 
1 126 GLU n 
1 127 SER n 
1 128 GLY n 
1 129 ASN n 
1 130 VAL n 
1 131 VAL n 
1 132 PRO n 
1 133 SER n 
1 134 ASP n 
1 135 THR n 
1 136 ASN n 
1 137 ILE n 
1 138 LEU n 
1 139 ASP n 
1 140 THR n 
1 141 TRP n 
1 142 ALA n 
1 143 ALA n 
1 144 MET n 
1 145 GLU n 
1 146 GLU n 
1 147 LEU n 
1 148 VAL n 
1 149 ASP n 
1 150 GLU n 
1 151 GLY n 
1 152 LEU n 
1 153 VAL n 
1 154 LYS n 
1 155 ALA n 
1 156 ILE n 
1 157 GLY n 
1 158 ILE n 
1 159 SER n 
1 160 ASN n 
1 161 PHE n 
1 162 ASN n 
1 163 HIS n 
1 164 LEU n 
1 165 GLN n 
1 166 VAL n 
1 167 GLU n 
1 168 MET n 
1 169 ILE n 
1 170 LEU n 
1 171 ASN n 
1 172 LYS n 
1 173 PRO n 
1 174 GLY n 
1 175 LEU n 
1 176 LYS n 
1 177 TYR n 
1 178 LYS n 
1 179 PRO n 
1 180 ALA n 
1 181 VAL n 
1 182 ASN n 
1 183 GLN n 
1 184 ILE n 
1 185 GLU n 
1 186 CYS n 
1 187 HIS n 
1 188 PRO n 
1 189 TYR n 
1 190 LEU n 
1 191 THR n 
1 192 GLN n 
1 193 GLU n 
1 194 LYS n 
1 195 LEU n 
1 196 ILE n 
1 197 GLN n 
1 198 TYR n 
1 199 CYS n 
1 200 GLN n 
1 201 SER n 
1 202 LYS n 
1 203 GLY n 
1 204 ILE n 
1 205 VAL n 
1 206 VAL n 
1 207 THR n 
1 208 ALA n 
1 209 TYR n 
1 210 SER n 
1 211 PRO n 
1 212 LEU n 
1 213 GLY n 
1 214 SER n 
1 215 PRO n 
1 216 ASP n 
1 217 ARG n 
1 218 PRO n 
1 219 TRP n 
1 220 ALA n 
1 221 LYS n 
1 222 PRO n 
1 223 GLU n 
1 224 ASP n 
1 225 PRO n 
1 226 SER n 
1 227 LEU n 
1 228 LEU n 
1 229 GLU n 
1 230 ASP n 
1 231 PRO n 
1 232 ARG n 
1 233 ILE n 
1 234 LYS n 
1 235 ALA n 
1 236 ILE n 
1 237 ALA n 
1 238 ALA n 
1 239 LYS n 
1 240 HIS n 
1 241 ASN n 
1 242 LYS n 
1 243 THR n 
1 244 THR n 
1 245 ALA n 
1 246 GLN n 
1 247 VAL n 
1 248 LEU n 
1 249 ILE n 
1 250 ARG n 
1 251 PHE n 
1 252 PRO n 
1 253 MET n 
1 254 GLN n 
1 255 ARG n 
1 256 ASN n 
1 257 LEU n 
1 258 VAL n 
1 259 VAL n 
1 260 ILE n 
1 261 PRO n 
1 262 LYS n 
1 263 SER n 
1 264 VAL n 
1 265 THR n 
1 266 PRO n 
1 267 GLU n 
1 268 ARG n 
1 269 ILE n 
1 270 ALA n 
1 271 GLU n 
1 272 ASN n 
1 273 PHE n 
1 274 LYS n 
1 275 VAL n 
1 276 PHE n 
1 277 ASP n 
1 278 PHE n 
1 279 GLU n 
1 280 LEU n 
1 281 SER n 
1 282 SER n 
1 283 GLN n 
1 284 ASP n 
1 285 MET n 
1 286 THR n 
1 287 THR n 
1 288 LEU n 
1 289 LEU n 
1 290 SER n 
1 291 TYR n 
1 292 ASN n 
1 293 ARG n 
1 294 ASN n 
1 295 TRP n 
1 296 ARG n 
1 297 VAL n 
1 298 CYS n 
1 299 ALA n 
1 300 LEU n 
1 301 LEU n 
1 302 SER n 
1 303 CYS n 
1 304 THR n 
1 305 SER n 
1 306 HIS n 
1 307 LYS n 
1 308 ASP n 
1 309 TYR n 
1 310 PRO n 
1 311 PHE n 
1 312 HIS n 
1 313 GLU n 
1 314 GLU n 
1 315 PHE n 
# 
_entity_src_gen.entity_id                          1 
_entity_src_gen.pdbx_src_id                        1 
_entity_src_gen.pdbx_alt_source_flag               sample 
_entity_src_gen.pdbx_seq_type                      ? 
_entity_src_gen.pdbx_beg_seq_num                   ? 
_entity_src_gen.pdbx_end_seq_num                   ? 
_entity_src_gen.gene_src_common_name               human 
_entity_src_gen.gene_src_genus                     Homo 
_entity_src_gen.pdbx_gene_src_gene                 ? 
_entity_src_gen.gene_src_species                   ? 
_entity_src_gen.gene_src_strain                    ? 
_entity_src_gen.gene_src_tissue                    ? 
_entity_src_gen.gene_src_tissue_fraction           ? 
_entity_src_gen.gene_src_details                   ? 
_entity_src_gen.pdbx_gene_src_fragment             ? 
_entity_src_gen.pdbx_gene_src_scientific_name      'Homo sapiens' 
_entity_src_gen.pdbx_gene_src_ncbi_taxonomy_id     9606 
_entity_src_gen.pdbx_gene_src_variant              ? 
_entity_src_gen.pdbx_gene_src_cell_line            ? 
_entity_src_gen.pdbx_gene_src_atcc                 ? 
_entity_src_gen.pdbx_gene_src_organ                ? 
_entity_src_gen.pdbx_gene_src_organelle            ? 
_entity_src_gen.pdbx_gene_src_cell                 ? 
_entity_src_gen.pdbx_gene_src_cellular_location    ? 
_entity_src_gen.host_org_common_name               ? 
_entity_src_gen.pdbx_host_org_scientific_name      'Escherichia coli' 
_entity_src_gen.pdbx_host_org_ncbi_taxonomy_id     562 
_entity_src_gen.host_org_genus                     Escherichia 
_entity_src_gen.pdbx_host_org_gene                 ? 
_entity_src_gen.pdbx_host_org_organ                ? 
_entity_src_gen.host_org_species                   ? 
_entity_src_gen.pdbx_host_org_tissue               ? 
_entity_src_gen.pdbx_host_org_tissue_fraction      ? 
_entity_src_gen.pdbx_host_org_strain               ? 
_entity_src_gen.pdbx_host_org_variant              ? 
_entity_src_gen.pdbx_host_org_cell_line            ? 
_entity_src_gen.pdbx_host_org_atcc                 ? 
_entity_src_gen.pdbx_host_org_culture_collection   ? 
_entity_src_gen.pdbx_host_org_cell                 ? 
_entity_src_gen.pdbx_host_org_organelle            ? 
_entity_src_gen.pdbx_host_org_cellular_location    ? 
_entity_src_gen.pdbx_host_org_vector_type          ? 
_entity_src_gen.pdbx_host_org_vector               ? 
_entity_src_gen.host_org_details                   ? 
_entity_src_gen.expression_system_id               ? 
_entity_src_gen.plasmid_name                       ? 
_entity_src_gen.plasmid_details                    ? 
_entity_src_gen.pdbx_description                   ? 
# 
loop_
_chem_comp.id 
_chem_comp.type 
_chem_comp.mon_nstd_flag 
_chem_comp.name 
_chem_comp.pdbx_synonyms 
_chem_comp.formula 
_chem_comp.formula_weight 
ALA 'L-peptide linking' y ALANINE                                                                                      ? 
'C3 H7 N O2'         89.093  
ARG 'L-peptide linking' y ARGININE                                                                                     ? 
'C6 H15 N4 O2 1'     175.209 
ASN 'L-peptide linking' y ASPARAGINE                                                                                   ? 
'C4 H8 N2 O3'        132.118 
ASP 'L-peptide linking' y 'ASPARTIC ACID'                                                                              ? 
'C4 H7 N O4'         133.103 
CYS 'L-peptide linking' y CYSTEINE                                                                                     ? 
'C3 H7 N O2 S'       121.158 
GLN 'L-peptide linking' y GLUTAMINE                                                                                    ? 
'C5 H10 N2 O3'       146.144 
GLU 'L-peptide linking' y 'GLUTAMIC ACID'                                                                              ? 
'C5 H9 N O4'         147.129 
GLY 'peptide linking'   y GLYCINE                                                                                      ? 
'C2 H5 N O2'         75.067  
HIS 'L-peptide linking' y HISTIDINE                                                                                    ? 
'C6 H10 N3 O2 1'     156.162 
ILE 'L-peptide linking' y ISOLEUCINE                                                                                   ? 
'C6 H13 N O2'        131.173 
LEU 'L-peptide linking' y LEUCINE                                                                                      ? 
'C6 H13 N O2'        131.173 
LYS 'L-peptide linking' y LYSINE                                                                                       ? 
'C6 H15 N2 O2 1'     147.195 
MET 'L-peptide linking' y METHIONINE                                                                                   ? 
'C5 H11 N O2 S'      149.211 
NAP non-polymer         . 'NADP NICOTINAMIDE-ADENINE-DINUCLEOTIDE PHOSPHATE'                                           
;2'-MONOPHOSPHOADENOSINE 5'-DIPHOSPHORIBOSE
;
'C21 H28 N7 O17 P3'  743.405 
PHE 'L-peptide linking' y PHENYLALANINE                                                                                ? 
'C9 H11 N O2'        165.189 
PRO 'L-peptide linking' y PROLINE                                                                                      ? 
'C5 H9 N O2'         115.130 
SER 'L-peptide linking' y SERINE                                                                                       ? 
'C3 H7 N O3'         105.093 
THR 'L-peptide linking' y THREONINE                                                                                    ? 
'C4 H9 N O3'         119.119 
TRP 'L-peptide linking' y TRYPTOPHAN                                                                                   ? 
'C11 H12 N2 O2'      204.225 
TYR 'L-peptide linking' y TYROSINE                                                                                     ? 
'C9 H11 N O3'        181.189 
VAL 'L-peptide linking' y VALINE                                                                                       ? 
'C5 H11 N O2'        117.146 
ZST non-polymer         . '3,4-DIHYDRO-4-OXO-3-((5-TRIFLUOROMETHYL-2-BENZOTHIAZOLYL)METHYL)-1-PHTHALAZINE ACETIC ACID' ? 
'C19 H12 F3 N3 O3 S' 419.377 
# 
loop_
_pdbx_poly_seq_scheme.asym_id 
_pdbx_poly_seq_scheme.entity_id 
_pdbx_poly_seq_scheme.seq_id 
_pdbx_poly_seq_scheme.mon_id 
_pdbx_poly_seq_scheme.ndb_seq_num 
_pdbx_poly_seq_scheme.pdb_seq_num 
_pdbx_poly_seq_scheme.auth_seq_num 
_pdbx_poly_seq_scheme.pdb_mon_id 
_pdbx_poly_seq_scheme.auth_mon_id 
_pdbx_poly_seq_scheme.pdb_strand_id 
_pdbx_poly_seq_scheme.pdb_ins_code 
_pdbx_poly_seq_scheme.hetero 
A 1 1   ALA 1   1   1   ALA ALA A . n 
A 1 2   SER 2   2   2   SER SER A . n 
A 1 3   ARG 3   3   3   ARG ARG A . n 
A 1 4   LEU 4   4   4   LEU LEU A . n 
A 1 5   LEU 5   5   5   LEU LEU A . n 
A 1 6   LEU 6   6   6   LEU LEU A . n 
A 1 7   ASN 7   7   7   ASN ASN A . n 
A 1 8   ASN 8   8   8   ASN ASN A . n 
A 1 9   GLY 9   9   9   GLY GLY A . n 
A 1 10  ALA 10  10  10  ALA ALA A . n 
A 1 11  LYS 11  11  11  LYS LYS A . n 
A 1 12  MET 12  12  12  MET MET A . n 
A 1 13  PRO 13  13  13  PRO PRO A . n 
A 1 14  ILE 14  14  14  ILE ILE A . n 
A 1 15  LEU 15  15  15  LEU LEU A . n 
A 1 16  GLY 16  16  16  GLY GLY A . n 
A 1 17  LEU 17  17  17  LEU LEU A . n 
A 1 18  GLY 18  18  18  GLY GLY A . n 
A 1 19  THR 19  19  19  THR THR A . n 
A 1 20  TRP 20  20  20  TRP TRP A . n 
A 1 21  LYS 21  21  21  LYS LYS A . n 
A 1 22  SER 22  22  22  SER SER A . n 
A 1 23  PRO 23  23  23  PRO PRO A . n 
A 1 24  PRO 24  24  24  PRO PRO A . n 
A 1 25  GLY 25  25  25  GLY GLY A . n 
A 1 26  GLN 26  26  26  GLN GLN A . n 
A 1 27  VAL 27  27  27  VAL VAL A . n 
A 1 28  THR 28  28  28  THR THR A . n 
A 1 29  GLU 29  29  29  GLU GLU A . n 
A 1 30  ALA 30  30  30  ALA ALA A . n 
A 1 31  VAL 31  31  31  VAL VAL A . n 
A 1 32  LYS 32  32  32  LYS LYS A . n 
A 1 33  VAL 33  33  33  VAL VAL A . n 
A 1 34  ALA 34  34  34  ALA ALA A . n 
A 1 35  ILE 35  35  35  ILE ILE A . n 
A 1 36  ASP 36  36  36  ASP ASP A . n 
A 1 37  VAL 37  37  37  VAL VAL A . n 
A 1 38  GLY 38  38  38  GLY GLY A . n 
A 1 39  TYR 39  39  39  TYR TYR A . n 
A 1 40  ARG 40  40  40  ARG ARG A . n 
A 1 41  HIS 41  41  41  HIS HIS A . n 
A 1 42  ILE 42  42  42  ILE ILE A . n 
A 1 43  ASP 43  43  43  ASP ASP A . n 
A 1 44  CYS 44  44  44  CYS CYS A . n 
A 1 45  ALA 45  45  45  ALA ALA A . n 
A 1 46  HIS 46  46  46  HIS HIS A . n 
A 1 47  VAL 47  47  47  VAL VAL A . n 
A 1 48  TYR 48  48  48  TYR TYR A . n 
A 1 49  GLN 49  49  49  GLN GLN A . n 
A 1 50  ASN 50  50  50  ASN ASN A . n 
A 1 51  GLU 51  51  51  GLU GLU A . n 
A 1 52  ASN 52  52  52  ASN ASN A . n 
A 1 53  GLU 53  53  53  GLU GLU A . n 
A 1 54  VAL 54  54  54  VAL VAL A . n 
A 1 55  GLY 55  55  55  GLY GLY A . n 
A 1 56  VAL 56  56  56  VAL VAL A . n 
A 1 57  ALA 57  57  57  ALA ALA A . n 
A 1 58  ILE 58  58  58  ILE ILE A . n 
A 1 59  GLN 59  59  59  GLN GLN A . n 
A 1 60  GLU 60  60  60  GLU GLU A . n 
A 1 61  LYS 61  61  61  LYS LYS A . n 
A 1 62  LEU 62  62  62  LEU LEU A . n 
A 1 63  ARG 63  63  63  ARG ARG A . n 
A 1 64  GLU 64  64  64  GLU GLU A . n 
A 1 65  GLN 65  65  65  GLN GLN A . n 
A 1 66  VAL 66  66  66  VAL VAL A . n 
A 1 67  VAL 67  67  67  VAL VAL A . n 
A 1 68  LYS 68  68  68  LYS LYS A . n 
A 1 69  ARG 69  69  69  ARG ARG A . n 
A 1 70  GLU 70  70  70  GLU GLU A . n 
A 1 71  GLU 71  71  71  GLU GLU A . n 
A 1 72  LEU 72  72  72  LEU LEU A . n 
A 1 73  PHE 73  73  73  PHE PHE A . n 
A 1 74  ILE 74  74  74  ILE ILE A . n 
A 1 75  VAL 75  75  75  VAL VAL A . n 
A 1 76  SER 76  76  76  SER SER A . n 
A 1 77  LYS 77  77  77  LYS LYS A . n 
A 1 78  LEU 78  78  78  LEU LEU A . n 
A 1 79  TRP 79  79  79  TRP TRP A . n 
A 1 80  CYS 80  80  80  CYS CYS A . n 
A 1 81  THR 81  81  81  THR THR A . n 
A 1 82  TYR 82  82  82  TYR TYR A . n 
A 1 83  HIS 83  83  83  HIS HIS A . n 
A 1 84  GLU 84  84  84  GLU GLU A . n 
A 1 85  LYS 85  85  85  LYS LYS A . n 
A 1 86  GLY 86  86  86  GLY GLY A . n 
A 1 87  LEU 87  87  87  LEU LEU A . n 
A 1 88  VAL 88  88  88  VAL VAL A . n 
A 1 89  LYS 89  89  89  LYS LYS A . n 
A 1 90  GLY 90  90  90  GLY GLY A . n 
A 1 91  ALA 91  91  91  ALA ALA A . n 
A 1 92  CYS 92  92  92  CYS CYS A . n 
A 1 93  GLN 93  93  93  GLN GLN A . n 
A 1 94  LYS 94  94  94  LYS LYS A . n 
A 1 95  THR 95  95  95  THR THR A . n 
A 1 96  LEU 96  96  96  LEU LEU A . n 
A 1 97  SER 97  97  97  SER SER A . n 
A 1 98  ASP 98  98  98  ASP ASP A . n 
A 1 99  LEU 99  99  99  LEU LEU A . n 
A 1 100 LYS 100 100 100 LYS LYS A . n 
A 1 101 LEU 101 101 101 LEU LEU A . n 
A 1 102 ASP 102 102 102 ASP ASP A . n 
A 1 103 TYR 103 103 103 TYR TYR A . n 
A 1 104 LEU 104 104 104 LEU LEU A . n 
A 1 105 ASP 105 105 105 ASP ASP A . n 
A 1 106 LEU 106 106 106 LEU LEU A . n 
A 1 107 TYR 107 107 107 TYR TYR A . n 
A 1 108 LEU 108 108 108 LEU LEU A . n 
A 1 109 ILE 109 109 109 ILE ILE A . n 
A 1 110 HIS 110 110 110 HIS HIS A . n 
A 1 111 TRP 111 111 111 TRP TRP A . n 
A 1 112 PRO 112 112 112 PRO PRO A . n 
A 1 113 THR 113 113 113 THR THR A . n 
A 1 114 GLY 114 114 114 GLY GLY A . n 
A 1 115 PHE 115 115 115 PHE PHE A . n 
A 1 116 LYS 116 116 116 LYS LYS A . n 
A 1 117 PRO 117 117 117 PRO PRO A . n 
A 1 118 GLY 118 118 118 GLY GLY A . n 
A 1 119 LYS 119 119 119 LYS LYS A . n 
A 1 120 GLU 120 120 120 GLU GLU A . n 
A 1 121 PHE 121 121 121 PHE PHE A . n 
A 1 122 PHE 122 122 122 PHE PHE A . n 
A 1 123 PRO 123 123 123 PRO PRO A . n 
A 1 124 LEU 124 124 124 LEU LEU A . n 
A 1 125 ASP 125 125 125 ASP ASP A . n 
A 1 126 GLU 126 126 126 GLU GLU A . n 
A 1 127 SER 127 127 127 SER SER A . n 
A 1 128 GLY 128 128 128 GLY GLY A . n 
A 1 129 ASN 129 129 129 ASN ASN A . n 
A 1 130 VAL 130 130 130 VAL VAL A . n 
A 1 131 VAL 131 131 131 VAL VAL A . n 
A 1 132 PRO 132 132 132 PRO PRO A . n 
A 1 133 SER 133 133 133 SER SER A . n 
A 1 134 ASP 134 134 134 ASP ASP A . n 
A 1 135 THR 135 135 135 THR THR A . n 
A 1 136 ASN 136 136 136 ASN ASN A . n 
A 1 137 ILE 137 137 137 ILE ILE A . n 
A 1 138 LEU 138 138 138 LEU LEU A . n 
A 1 139 ASP 139 139 139 ASP ASP A . n 
A 1 140 THR 140 140 140 THR THR A . n 
A 1 141 TRP 141 141 141 TRP TRP A . n 
A 1 142 ALA 142 142 142 ALA ALA A . n 
A 1 143 ALA 143 143 143 ALA ALA A . n 
A 1 144 MET 144 144 144 MET MET A . n 
A 1 145 GLU 145 145 145 GLU GLU A . n 
A 1 146 GLU 146 146 146 GLU GLU A . n 
A 1 147 LEU 147 147 147 LEU LEU A . n 
A 1 148 VAL 148 148 148 VAL VAL A . n 
A 1 149 ASP 149 149 149 ASP ASP A . n 
A 1 150 GLU 150 150 150 GLU GLU A . n 
A 1 151 GLY 151 151 151 GLY GLY A . n 
A 1 152 LEU 152 152 152 LEU LEU A . n 
A 1 153 VAL 153 153 153 VAL VAL A . n 
A 1 154 LYS 154 154 154 LYS LYS A . n 
A 1 155 ALA 155 155 155 ALA ALA A . n 
A 1 156 ILE 156 156 156 ILE ILE A . n 
A 1 157 GLY 157 157 157 GLY GLY A . n 
A 1 158 ILE 158 158 158 ILE ILE A . n 
A 1 159 SER 159 159 159 SER SER A . n 
A 1 160 ASN 160 160 160 ASN ASN A . n 
A 1 161 PHE 161 161 161 PHE PHE A . n 
A 1 162 ASN 162 162 162 ASN ASN A . n 
A 1 163 HIS 163 163 163 HIS HIS A . n 
A 1 164 LEU 164 164 164 LEU LEU A . n 
A 1 165 GLN 165 165 165 GLN GLN A . n 
A 1 166 VAL 166 166 166 VAL VAL A . n 
A 1 167 GLU 167 167 167 GLU GLU A . n 
A 1 168 MET 168 168 168 MET MET A . n 
A 1 169 ILE 169 169 169 ILE ILE A . n 
A 1 170 LEU 170 170 170 LEU LEU A . n 
A 1 171 ASN 171 171 171 ASN ASN A . n 
A 1 172 LYS 172 172 172 LYS LYS A . n 
A 1 173 PRO 173 173 173 PRO PRO A . n 
A 1 174 GLY 174 174 174 GLY GLY A . n 
A 1 175 LEU 175 175 175 LEU LEU A . n 
A 1 176 LYS 176 176 176 LYS LYS A . n 
A 1 177 TYR 177 177 177 TYR TYR A . n 
A 1 178 LYS 178 178 178 LYS LYS A . n 
A 1 179 PRO 179 179 179 PRO PRO A . n 
A 1 180 ALA 180 180 180 ALA ALA A . n 
A 1 181 VAL 181 181 181 VAL VAL A . n 
A 1 182 ASN 182 182 182 ASN ASN A . n 
A 1 183 GLN 183 183 183 GLN GLN A . n 
A 1 184 ILE 184 184 184 ILE ILE A . n 
A 1 185 GLU 185 185 185 GLU GLU A . n 
A 1 186 CYS 186 186 186 CYS CYS A . n 
A 1 187 HIS 187 187 187 HIS HIS A . n 
A 1 188 PRO 188 188 188 PRO PRO A . n 
A 1 189 TYR 189 189 189 TYR TYR A . n 
A 1 190 LEU 190 190 190 LEU LEU A . n 
A 1 191 THR 191 191 191 THR THR A . n 
A 1 192 GLN 192 192 192 GLN GLN A . n 
A 1 193 GLU 193 193 193 GLU GLU A . n 
A 1 194 LYS 194 194 194 LYS LYS A . n 
A 1 195 LEU 195 195 195 LEU LEU A . n 
A 1 196 ILE 196 196 196 ILE ILE A . n 
A 1 197 GLN 197 197 197 GLN GLN A . n 
A 1 198 TYR 198 198 198 TYR TYR A . n 
A 1 199 CYS 199 199 199 CYS CYS A . n 
A 1 200 GLN 200 200 200 GLN GLN A . n 
A 1 201 SER 201 201 201 SER SER A . n 
A 1 202 LYS 202 202 202 LYS LYS A . n 
A 1 203 GLY 203 203 203 GLY GLY A . n 
A 1 204 ILE 204 204 204 ILE ILE A . n 
A 1 205 VAL 205 205 205 VAL VAL A . n 
A 1 206 VAL 206 206 206 VAL VAL A . n 
A 1 207 THR 207 207 207 THR THR A . n 
A 1 208 ALA 208 208 208 ALA ALA A . n 
A 1 209 TYR 209 209 209 TYR TYR A . n 
A 1 210 SER 210 210 210 SER SER A . n 
A 1 211 PRO 211 211 211 PRO PRO A . n 
A 1 212 LEU 212 212 212 LEU LEU A . n 
A 1 213 GLY 213 213 213 GLY GLY A . n 
A 1 214 SER 214 214 214 SER SER A . n 
A 1 215 PRO 215 215 215 PRO PRO A . n 
A 1 216 ASP 216 216 216 ASP ASP A . n 
A 1 217 ARG 217 217 217 ARG ARG A . n 
A 1 218 PRO 218 218 218 PRO PRO A . n 
A 1 219 TRP 219 219 219 TRP TRP A . n 
A 1 220 ALA 220 220 220 ALA ALA A . n 
A 1 221 LYS 221 221 221 LYS LYS A . n 
A 1 222 PRO 222 222 222 PRO PRO A . n 
A 1 223 GLU 223 223 223 GLU GLU A . n 
A 1 224 ASP 224 224 224 ASP ASP A . n 
A 1 225 PRO 225 225 225 PRO PRO A . n 
A 1 226 SER 226 226 226 SER SER A . n 
A 1 227 LEU 227 227 227 LEU LEU A . n 
A 1 228 LEU 228 228 228 LEU LEU A . n 
A 1 229 GLU 229 229 229 GLU GLU A . n 
A 1 230 ASP 230 230 230 ASP ASP A . n 
A 1 231 PRO 231 231 231 PRO PRO A . n 
A 1 232 ARG 232 232 232 ARG ARG A . n 
A 1 233 ILE 233 233 233 ILE ILE A . n 
A 1 234 LYS 234 234 234 LYS LYS A . n 
A 1 235 ALA 235 235 235 ALA ALA A . n 
A 1 236 ILE 236 236 236 ILE ILE A . n 
A 1 237 ALA 237 237 237 ALA ALA A . n 
A 1 238 ALA 238 238 238 ALA ALA A . n 
A 1 239 LYS 239 239 239 LYS LYS A . n 
A 1 240 HIS 240 240 240 HIS HIS A . n 
A 1 241 ASN 241 241 241 ASN ASN A . n 
A 1 242 LYS 242 242 242 LYS LYS A . n 
A 1 243 THR 243 243 243 THR THR A . n 
A 1 244 THR 244 244 244 THR THR A . n 
A 1 245 ALA 245 245 245 ALA ALA A . n 
A 1 246 GLN 246 246 246 GLN GLN A . n 
A 1 247 VAL 247 247 247 VAL VAL A . n 
A 1 248 LEU 248 248 248 LEU LEU A . n 
A 1 249 ILE 249 249 249 ILE ILE A . n 
A 1 250 ARG 250 250 250 ARG ARG A . n 
A 1 251 PHE 251 251 251 PHE PHE A . n 
A 1 252 PRO 252 252 252 PRO PRO A . n 
A 1 253 MET 253 253 253 MET MET A . n 
A 1 254 GLN 254 254 254 GLN GLN A . n 
A 1 255 ARG 255 255 255 ARG ARG A . n 
A 1 256 ASN 256 256 256 ASN ASN A . n 
A 1 257 LEU 257 257 257 LEU LEU A . n 
A 1 258 VAL 258 258 258 VAL VAL A . n 
A 1 259 VAL 259 259 259 VAL VAL A . n 
A 1 260 ILE 260 260 260 ILE ILE A . n 
A 1 261 PRO 261 261 261 PRO PRO A . n 
A 1 262 LYS 262 262 262 LYS LYS A . n 
A 1 263 SER 263 263 263 SER SER A . n 
A 1 264 VAL 264 264 264 VAL VAL A . n 
A 1 265 THR 265 265 265 THR THR A . n 
A 1 266 PRO 266 266 266 PRO PRO A . n 
A 1 267 GLU 267 267 267 GLU GLU A . n 
A 1 268 ARG 268 268 268 ARG ARG A . n 
A 1 269 ILE 269 269 269 ILE ILE A . n 
A 1 270 ALA 270 270 270 ALA ALA A . n 
A 1 271 GLU 271 271 271 GLU GLU A . n 
A 1 272 ASN 272 272 272 ASN ASN A . n 
A 1 273 PHE 273 273 273 PHE PHE A . n 
A 1 274 LYS 274 274 274 LYS LYS A . n 
A 1 275 VAL 275 275 275 VAL VAL A . n 
A 1 276 PHE 276 276 276 PHE PHE A . n 
A 1 277 ASP 277 277 277 ASP ASP A . n 
A 1 278 PHE 278 278 278 PHE PHE A . n 
A 1 279 GLU 279 279 279 GLU GLU A . n 
A 1 280 LEU 280 280 280 LEU LEU A . n 
A 1 281 SER 281 281 281 SER SER A . n 
A 1 282 SER 282 282 282 SER SER A . n 
A 1 283 GLN 283 283 283 GLN GLN A . n 
A 1 284 ASP 284 284 284 ASP ASP A . n 
A 1 285 MET 285 285 285 MET MET A . n 
A 1 286 THR 286 286 286 THR THR A . n 
A 1 287 THR 287 287 287 THR THR A . n 
A 1 288 LEU 288 288 288 LEU LEU A . n 
A 1 289 LEU 289 289 289 LEU LEU A . n 
A 1 290 SER 290 290 290 SER SER A . n 
A 1 291 TYR 291 291 291 TYR TYR A . n 
A 1 292 ASN 292 292 292 ASN ASN A . n 
A 1 293 ARG 293 293 293 ARG ARG A . n 
A 1 294 ASN 294 294 294 ASN ASN A . n 
A 1 295 TRP 295 295 295 TRP TRP A . n 
A 1 296 ARG 296 296 296 ARG ARG A . n 
A 1 297 VAL 297 297 297 VAL VAL A . n 
A 1 298 CYS 298 298 298 CYS CYS A . n 
A 1 299 ALA 299 299 299 ALA ALA A . n 
A 1 300 LEU 300 300 300 LEU LEU A . n 
A 1 301 LEU 301 301 301 LEU LEU A . n 
A 1 302 SER 302 302 302 SER SER A . n 
A 1 303 CYS 303 303 303 CYS CYS A . n 
A 1 304 THR 304 304 304 THR THR A . n 
A 1 305 SER 305 305 305 SER SER A . n 
A 1 306 HIS 306 306 306 HIS HIS A . n 
A 1 307 LYS 307 307 307 LYS LYS A . n 
A 1 308 ASP 308 308 308 ASP ASP A . n 
A 1 309 TYR 309 309 309 TYR TYR A . n 
A 1 310 PRO 310 310 310 PRO PRO A . n 
A 1 311 PHE 311 311 311 PHE PHE A . n 
A 1 312 HIS 312 312 312 HIS HIS A . n 
A 1 313 GLU 313 313 313 GLU GLU A . n 
A 1 314 GLU 314 314 314 GLU GLU A . n 
A 1 315 PHE 315 315 315 PHE PHE A . n 
# 
loop_
_pdbx_nonpoly_scheme.asym_id 
_pdbx_nonpoly_scheme.entity_id 
_pdbx_nonpoly_scheme.mon_id 
_pdbx_nonpoly_scheme.ndb_seq_num 
_pdbx_nonpoly_scheme.pdb_seq_num 
_pdbx_nonpoly_scheme.auth_seq_num 
_pdbx_nonpoly_scheme.pdb_mon_id 
_pdbx_nonpoly_scheme.auth_mon_id 
_pdbx_nonpoly_scheme.pdb_strand_id 
_pdbx_nonpoly_scheme.pdb_ins_code 
B 2 NAP 1 350 350 NAP NAP A . 
C 3 ZST 1 351 351 ZST ZST A . 
# 
loop_
_software.name 
_software.classification 
_software.version 
_software.citation_id 
_software.pdbx_ordinal 
X-PLOR 'model building' . ? 1 
X-PLOR refinement       . ? 2 
X-PLOR phasing          . ? 3 
# 
_cell.entry_id           1MAR 
_cell.length_a           47.640 
_cell.length_b           48.040 
_cell.length_c           40.480 
_cell.angle_alpha        64.47 
_cell.angle_beta         76.77 
_cell.angle_gamma        76.07 
_cell.Z_PDB              1 
_cell.pdbx_unique_axis   ? 
# 
_symmetry.entry_id                         1MAR 
_symmetry.space_group_name_H-M             'P 1' 
_symmetry.pdbx_full_space_group_name_H-M   ? 
_symmetry.cell_setting                     ? 
_symmetry.Int_Tables_number                1 
# 
_exptl.entry_id          1MAR 
_exptl.method            'X-RAY DIFFRACTION' 
_exptl.crystals_number   ? 
# 
_exptl_crystal.id                    1 
_exptl_crystal.density_meas          ? 
_exptl_crystal.density_Matthews      2.24 
_exptl_crystal.density_percent_sol   45.19 
_exptl_crystal.description           ? 
# 
_diffrn.id                     1 
_diffrn.crystal_id             1 
_diffrn.ambient_temp           ? 
_diffrn.ambient_temp_details   ? 
# 
_refine.entry_id                                 1MAR 
_refine.ls_number_reflns_obs                     25891 
_refine.ls_number_reflns_all                     ? 
_refine.pdbx_ls_sigma_I                          ? 
_refine.pdbx_ls_sigma_F                          1.0 
_refine.pdbx_data_cutoff_high_absF               ? 
_refine.pdbx_data_cutoff_low_absF                ? 
_refine.pdbx_data_cutoff_high_rms_absF           ? 
_refine.ls_d_res_low                             12. 
_refine.ls_d_res_high                            1.8 
_refine.ls_percent_reflns_obs                    ? 
_refine.ls_R_factor_obs                          0.1800000 
_refine.ls_R_factor_all                          ? 
_refine.ls_R_factor_R_work                       0.1800000 
_refine.ls_R_factor_R_free                       ? 
_refine.ls_R_factor_R_free_error                 ? 
_refine.ls_R_factor_R_free_error_details         ? 
_refine.ls_percent_reflns_R_free                 ? 
_refine.ls_number_reflns_R_free                  ? 
_refine.ls_number_parameters                     ? 
_refine.ls_number_restraints                     ? 
_refine.occupancy_min                            ? 
_refine.occupancy_max                            ? 
_refine.B_iso_mean                               ? 
_refine.aniso_B[1][1]                            ? 
_refine.aniso_B[2][2]                            ? 
_refine.aniso_B[3][3]                            ? 
_refine.aniso_B[1][2]                            ? 
_refine.aniso_B[1][3]                            ? 
_refine.aniso_B[2][3]                            ? 
_refine.solvent_model_details                    ? 
_refine.solvent_model_param_ksol                 ? 
_refine.solvent_model_param_bsol                 ? 
_refine.pdbx_ls_cross_valid_method               ? 
_refine.details                                  ? 
_refine.pdbx_starting_model                      ? 
_refine.pdbx_method_to_determine_struct          ? 
_refine.pdbx_isotropic_thermal_model             ? 
_refine.pdbx_stereochemistry_target_values       ? 
_refine.pdbx_stereochem_target_val_spec_case     ? 
_refine.pdbx_R_Free_selection_details            ? 
_refine.pdbx_overall_ESU_R                       ? 
_refine.pdbx_overall_ESU_R_Free                  ? 
_refine.overall_SU_ML                            ? 
_refine.overall_SU_B                             ? 
_refine.pdbx_refine_id                           'X-RAY DIFFRACTION' 
_refine.pdbx_diffrn_id                           1 
_refine.pdbx_TLS_residual_ADP_flag               ? 
_refine.correlation_coeff_Fo_to_Fc               ? 
_refine.correlation_coeff_Fo_to_Fc_free          ? 
_refine.pdbx_solvent_vdw_probe_radii             ? 
_refine.pdbx_solvent_ion_probe_radii             ? 
_refine.pdbx_solvent_shrinkage_radii             ? 
_refine.pdbx_overall_phase_error                 ? 
_refine.overall_SU_R_Cruickshank_DPI             ? 
_refine.pdbx_overall_SU_R_free_Cruickshank_DPI   ? 
_refine.pdbx_overall_SU_R_Blow_DPI               ? 
_refine.pdbx_overall_SU_R_free_Blow_DPI          ? 
# 
_refine_hist.pdbx_refine_id                   'X-RAY DIFFRACTION' 
_refine_hist.cycle_id                         LAST 
_refine_hist.pdbx_number_atoms_protein        315 
_refine_hist.pdbx_number_atoms_nucleic_acid   0 
_refine_hist.pdbx_number_atoms_ligand         77 
_refine_hist.number_atoms_solvent             0 
_refine_hist.number_atoms_total               392 
_refine_hist.d_res_high                       1.8 
_refine_hist.d_res_low                        12. 
# 
loop_
_refine_ls_restr.type 
_refine_ls_restr.dev_ideal 
_refine_ls_restr.dev_ideal_target 
_refine_ls_restr.weight 
_refine_ls_restr.number 
_refine_ls_restr.pdbx_refine_id 
_refine_ls_restr.pdbx_restraint_function 
x_bond_d                0.006 ? ? ? 'X-RAY DIFFRACTION' ? 
x_bond_d_na             ?     ? ? ? 'X-RAY DIFFRACTION' ? 
x_bond_d_prot           ?     ? ? ? 'X-RAY DIFFRACTION' ? 
x_angle_d               ?     ? ? ? 'X-RAY DIFFRACTION' ? 
x_angle_d_na            ?     ? ? ? 'X-RAY DIFFRACTION' ? 
x_angle_d_prot          ?     ? ? ? 'X-RAY DIFFRACTION' ? 
x_angle_deg             1.65  ? ? ? 'X-RAY DIFFRACTION' ? 
x_angle_deg_na          ?     ? ? ? 'X-RAY DIFFRACTION' ? 
x_angle_deg_prot        ?     ? ? ? 'X-RAY DIFFRACTION' ? 
x_dihedral_angle_d      ?     ? ? ? 'X-RAY DIFFRACTION' ? 
x_dihedral_angle_d_na   ?     ? ? ? 'X-RAY DIFFRACTION' ? 
x_dihedral_angle_d_prot ?     ? ? ? 'X-RAY DIFFRACTION' ? 
x_improper_angle_d      ?     ? ? ? 'X-RAY DIFFRACTION' ? 
x_improper_angle_d_na   ?     ? ? ? 'X-RAY DIFFRACTION' ? 
x_improper_angle_d_prot ?     ? ? ? 'X-RAY DIFFRACTION' ? 
x_mcbond_it             ?     ? ? ? 'X-RAY DIFFRACTION' ? 
x_mcangle_it            ?     ? ? ? 'X-RAY DIFFRACTION' ? 
x_scbond_it             ?     ? ? ? 'X-RAY DIFFRACTION' ? 
x_scangle_it            ?     ? ? ? 'X-RAY DIFFRACTION' ? 
# 
_struct.entry_id                  1MAR 
_struct.title                     
'REFINED 1.8 ANGSTROMS STRUCTURE OF HUMAN ALDOSE REDUCTASE COMPLEXED WITH THE POTENT INHIBITOR ZOPOLRESTAT' 
_struct.pdbx_model_details        ? 
_struct.pdbx_CASP_flag            ? 
_struct.pdbx_model_type_details   ? 
# 
_struct_keywords.entry_id        1MAR 
_struct_keywords.pdbx_keywords   'OXIDOREDUCTASE(NADP)' 
_struct_keywords.text            'OXIDOREDUCTASE(NADP)' 
# 
loop_
_struct_asym.id 
_struct_asym.pdbx_blank_PDB_chainid_flag 
_struct_asym.pdbx_modified 
_struct_asym.entity_id 
_struct_asym.details 
A N N 1 ? 
B N N 2 ? 
C N N 3 ? 
# 
_struct_ref.id                         1 
_struct_ref.db_name                    UNP 
_struct_ref.db_code                    ALDR_HUMAN 
_struct_ref.entity_id                  1 
_struct_ref.pdbx_db_accession          P15121 
_struct_ref.pdbx_align_begin           1 
_struct_ref.pdbx_seq_one_letter_code   
;ASRLLLNNGAKMPILGLGTWKSPPGQVTEAVKVAIDVGYRHIDCAHVYQNENEVGVAIQEKLREQVVKREELFIVSKLWC
TYHEKGLVKGACQKTLSDLKLDYLDLYLIHWPTGFKPGKEFFPLDESGNVVPSDTNILDTWAAMEELVDEGLVKAIGISN
FNHLQVEMILNKPGLKYKPAVNQIECHPYLTQEKLIQYCQSKGIVVTAYSPLGSPDRPWAKPEDPSLLEDPRIKAIAAKH
NKTTAQVLIRFPMQRNLVVIPKSVTPERIAENFKVFDFELSSQDMTTLLSYNRNWRVCALLSCTSHKDYPFHEEF
;
_struct_ref.pdbx_db_isoform            ? 
# 
_struct_ref_seq.align_id                      1 
_struct_ref_seq.ref_id                        1 
_struct_ref_seq.pdbx_PDB_id_code              1MAR 
_struct_ref_seq.pdbx_strand_id                A 
_struct_ref_seq.seq_align_beg                 1 
_struct_ref_seq.pdbx_seq_align_beg_ins_code   ? 
_struct_ref_seq.seq_align_end                 315 
_struct_ref_seq.pdbx_seq_align_end_ins_code   ? 
_struct_ref_seq.pdbx_db_accession             P15121 
_struct_ref_seq.db_align_beg                  1 
_struct_ref_seq.pdbx_db_align_beg_ins_code    ? 
_struct_ref_seq.db_align_end                  315 
_struct_ref_seq.pdbx_db_align_end_ins_code    ? 
_struct_ref_seq.pdbx_auth_seq_align_beg       1 
_struct_ref_seq.pdbx_auth_seq_align_end       315 
# 
_pdbx_struct_assembly.id                   1 
_pdbx_struct_assembly.details              author_defined_assembly 
_pdbx_struct_assembly.method_details       ? 
_pdbx_struct_assembly.oligomeric_details   monomeric 
_pdbx_struct_assembly.oligomeric_count     1 
# 
_pdbx_struct_assembly_gen.assembly_id       1 
_pdbx_struct_assembly_gen.oper_expression   1 
_pdbx_struct_assembly_gen.asym_id_list      A,B,C 
# 
_pdbx_struct_oper_list.id                   1 
_pdbx_struct_oper_list.type                 'identity operation' 
_pdbx_struct_oper_list.name                 1_555 
_pdbx_struct_oper_list.symmetry_operation   x,y,z 
_pdbx_struct_oper_list.matrix[1][1]         1.0000000000 
_pdbx_struct_oper_list.matrix[1][2]         0.0000000000 
_pdbx_struct_oper_list.matrix[1][3]         0.0000000000 
_pdbx_struct_oper_list.vector[1]            0.0000000000 
_pdbx_struct_oper_list.matrix[2][1]         0.0000000000 
_pdbx_struct_oper_list.matrix[2][2]         1.0000000000 
_pdbx_struct_oper_list.matrix[2][3]         0.0000000000 
_pdbx_struct_oper_list.vector[2]            0.0000000000 
_pdbx_struct_oper_list.matrix[3][1]         0.0000000000 
_pdbx_struct_oper_list.matrix[3][2]         0.0000000000 
_pdbx_struct_oper_list.matrix[3][3]         1.0000000000 
_pdbx_struct_oper_list.vector[3]            0.0000000000 
# 
_struct_biol.id   1 
# 
loop_
_struct_site.id 
_struct_site.pdbx_evidence_code 
_struct_site.pdbx_auth_asym_id 
_struct_site.pdbx_auth_comp_id 
_struct_site.pdbx_auth_seq_id 
_struct_site.pdbx_auth_ins_code 
_struct_site.pdbx_num_residues 
_struct_site.details 
AC1 Software A NAP 350 ? 7 'BINDING SITE FOR RESIDUE NAP A 350' 
AC2 Software A ZST 351 ? 1 'BINDING SITE FOR RESIDUE ZST A 351' 
# 
loop_
_struct_site_gen.id 
_struct_site_gen.site_id 
_struct_site_gen.pdbx_num_res 
_struct_site_gen.label_comp_id 
_struct_site_gen.label_asym_id 
_struct_site_gen.label_seq_id 
_struct_site_gen.pdbx_auth_ins_code 
_struct_site_gen.auth_comp_id 
_struct_site_gen.auth_asym_id 
_struct_site_gen.auth_seq_id 
_struct_site_gen.label_atom_id 
_struct_site_gen.label_alt_id 
_struct_site_gen.symmetry 
_struct_site_gen.details 
1 AC1 7 GLY A 18  ? GLY A 18  . ? 1_555 ? 
2 AC1 7 SER A 210 ? SER A 210 . ? 1_555 ? 
3 AC1 7 LEU A 212 ? LEU A 212 . ? 1_555 ? 
4 AC1 7 SER A 214 ? SER A 214 . ? 1_555 ? 
5 AC1 7 PRO A 261 ? PRO A 261 . ? 1_555 ? 
6 AC1 7 SER A 263 ? SER A 263 . ? 1_555 ? 
7 AC1 7 ZST C .   ? ZST A 351 . ? 1_555 ? 
8 AC2 1 NAP B .   ? NAP A 350 . ? 1_555 ? 
# 
loop_
_chem_comp_atom.comp_id 
_chem_comp_atom.atom_id 
_chem_comp_atom.type_symbol 
_chem_comp_atom.pdbx_aromatic_flag 
_chem_comp_atom.pdbx_stereo_config 
_chem_comp_atom.pdbx_ordinal 
ALA N    N N N 1   
ALA CA   C N S 2   
ALA C    C N N 3   
ALA O    O N N 4   
ALA CB   C N N 5   
ALA OXT  O N N 6   
ALA H    H N N 7   
ALA H2   H N N 8   
ALA HA   H N N 9   
ALA HB1  H N N 10  
ALA HB2  H N N 11  
ALA HB3  H N N 12  
ALA HXT  H N N 13  
ARG N    N N N 14  
ARG CA   C N S 15  
ARG C    C N N 16  
ARG O    O N N 17  
ARG CB   C N N 18  
ARG CG   C N N 19  
ARG CD   C N N 20  
ARG NE   N N N 21  
ARG CZ   C N N 22  
ARG NH1  N N N 23  
ARG NH2  N N N 24  
ARG OXT  O N N 25  
ARG H    H N N 26  
ARG H2   H N N 27  
ARG HA   H N N 28  
ARG HB2  H N N 29  
ARG HB3  H N N 30  
ARG HG2  H N N 31  
ARG HG3  H N N 32  
ARG HD2  H N N 33  
ARG HD3  H N N 34  
ARG HE   H N N 35  
ARG HH11 H N N 36  
ARG HH12 H N N 37  
ARG HH21 H N N 38  
ARG HH22 H N N 39  
ARG HXT  H N N 40  
ASN N    N N N 41  
ASN CA   C N S 42  
ASN C    C N N 43  
ASN O    O N N 44  
ASN CB   C N N 45  
ASN CG   C N N 46  
ASN OD1  O N N 47  
ASN ND2  N N N 48  
ASN OXT  O N N 49  
ASN H    H N N 50  
ASN H2   H N N 51  
ASN HA   H N N 52  
ASN HB2  H N N 53  
ASN HB3  H N N 54  
ASN HD21 H N N 55  
ASN HD22 H N N 56  
ASN HXT  H N N 57  
ASP N    N N N 58  
ASP CA   C N S 59  
ASP C    C N N 60  
ASP O    O N N 61  
ASP CB   C N N 62  
ASP CG   C N N 63  
ASP OD1  O N N 64  
ASP OD2  O N N 65  
ASP OXT  O N N 66  
ASP H    H N N 67  
ASP H2   H N N 68  
ASP HA   H N N 69  
ASP HB2  H N N 70  
ASP HB3  H N N 71  
ASP HD2  H N N 72  
ASP HXT  H N N 73  
CYS N    N N N 74  
CYS CA   C N R 75  
CYS C    C N N 76  
CYS O    O N N 77  
CYS CB   C N N 78  
CYS SG   S N N 79  
CYS OXT  O N N 80  
CYS H    H N N 81  
CYS H2   H N N 82  
CYS HA   H N N 83  
CYS HB2  H N N 84  
CYS HB3  H N N 85  
CYS HG   H N N 86  
CYS HXT  H N N 87  
GLN N    N N N 88  
GLN CA   C N S 89  
GLN C    C N N 90  
GLN O    O N N 91  
GLN CB   C N N 92  
GLN CG   C N N 93  
GLN CD   C N N 94  
GLN OE1  O N N 95  
GLN NE2  N N N 96  
GLN OXT  O N N 97  
GLN H    H N N 98  
GLN H2   H N N 99  
GLN HA   H N N 100 
GLN HB2  H N N 101 
GLN HB3  H N N 102 
GLN HG2  H N N 103 
GLN HG3  H N N 104 
GLN HE21 H N N 105 
GLN HE22 H N N 106 
GLN HXT  H N N 107 
GLU N    N N N 108 
GLU CA   C N S 109 
GLU C    C N N 110 
GLU O    O N N 111 
GLU CB   C N N 112 
GLU CG   C N N 113 
GLU CD   C N N 114 
GLU OE1  O N N 115 
GLU OE2  O N N 116 
GLU OXT  O N N 117 
GLU H    H N N 118 
GLU H2   H N N 119 
GLU HA   H N N 120 
GLU HB2  H N N 121 
GLU HB3  H N N 122 
GLU HG2  H N N 123 
GLU HG3  H N N 124 
GLU HE2  H N N 125 
GLU HXT  H N N 126 
GLY N    N N N 127 
GLY CA   C N N 128 
GLY C    C N N 129 
GLY O    O N N 130 
GLY OXT  O N N 131 
GLY H    H N N 132 
GLY H2   H N N 133 
GLY HA2  H N N 134 
GLY HA3  H N N 135 
GLY HXT  H N N 136 
HIS N    N N N 137 
HIS CA   C N S 138 
HIS C    C N N 139 
HIS O    O N N 140 
HIS CB   C N N 141 
HIS CG   C Y N 142 
HIS ND1  N Y N 143 
HIS CD2  C Y N 144 
HIS CE1  C Y N 145 
HIS NE2  N Y N 146 
HIS OXT  O N N 147 
HIS H    H N N 148 
HIS H2   H N N 149 
HIS HA   H N N 150 
HIS HB2  H N N 151 
HIS HB3  H N N 152 
HIS HD1  H N N 153 
HIS HD2  H N N 154 
HIS HE1  H N N 155 
HIS HE2  H N N 156 
HIS HXT  H N N 157 
ILE N    N N N 158 
ILE CA   C N S 159 
ILE C    C N N 160 
ILE O    O N N 161 
ILE CB   C N S 162 
ILE CG1  C N N 163 
ILE CG2  C N N 164 
ILE CD1  C N N 165 
ILE OXT  O N N 166 
ILE H    H N N 167 
ILE H2   H N N 168 
ILE HA   H N N 169 
ILE HB   H N N 170 
ILE HG12 H N N 171 
ILE HG13 H N N 172 
ILE HG21 H N N 173 
ILE HG22 H N N 174 
ILE HG23 H N N 175 
ILE HD11 H N N 176 
ILE HD12 H N N 177 
ILE HD13 H N N 178 
ILE HXT  H N N 179 
LEU N    N N N 180 
LEU CA   C N S 181 
LEU C    C N N 182 
LEU O    O N N 183 
LEU CB   C N N 184 
LEU CG   C N N 185 
LEU CD1  C N N 186 
LEU CD2  C N N 187 
LEU OXT  O N N 188 
LEU H    H N N 189 
LEU H2   H N N 190 
LEU HA   H N N 191 
LEU HB2  H N N 192 
LEU HB3  H N N 193 
LEU HG   H N N 194 
LEU HD11 H N N 195 
LEU HD12 H N N 196 
LEU HD13 H N N 197 
LEU HD21 H N N 198 
LEU HD22 H N N 199 
LEU HD23 H N N 200 
LEU HXT  H N N 201 
LYS N    N N N 202 
LYS CA   C N S 203 
LYS C    C N N 204 
LYS O    O N N 205 
LYS CB   C N N 206 
LYS CG   C N N 207 
LYS CD   C N N 208 
LYS CE   C N N 209 
LYS NZ   N N N 210 
LYS OXT  O N N 211 
LYS H    H N N 212 
LYS H2   H N N 213 
LYS HA   H N N 214 
LYS HB2  H N N 215 
LYS HB3  H N N 216 
LYS HG2  H N N 217 
LYS HG3  H N N 218 
LYS HD2  H N N 219 
LYS HD3  H N N 220 
LYS HE2  H N N 221 
LYS HE3  H N N 222 
LYS HZ1  H N N 223 
LYS HZ2  H N N 224 
LYS HZ3  H N N 225 
LYS HXT  H N N 226 
MET N    N N N 227 
MET CA   C N S 228 
MET C    C N N 229 
MET O    O N N 230 
MET CB   C N N 231 
MET CG   C N N 232 
MET SD   S N N 233 
MET CE   C N N 234 
MET OXT  O N N 235 
MET H    H N N 236 
MET H2   H N N 237 
MET HA   H N N 238 
MET HB2  H N N 239 
MET HB3  H N N 240 
MET HG2  H N N 241 
MET HG3  H N N 242 
MET HE1  H N N 243 
MET HE2  H N N 244 
MET HE3  H N N 245 
MET HXT  H N N 246 
NAP PA   P N R 247 
NAP O1A  O N N 248 
NAP O2A  O N N 249 
NAP O5B  O N N 250 
NAP C5B  C N N 251 
NAP C4B  C N R 252 
NAP O4B  O N N 253 
NAP C3B  C N R 254 
NAP O3B  O N N 255 
NAP C2B  C N R 256 
NAP O2B  O N N 257 
NAP C1B  C N R 258 
NAP N9A  N Y N 259 
NAP C8A  C Y N 260 
NAP N7A  N Y N 261 
NAP C5A  C Y N 262 
NAP C6A  C Y N 263 
NAP N6A  N N N 264 
NAP N1A  N Y N 265 
NAP C2A  C Y N 266 
NAP N3A  N Y N 267 
NAP C4A  C Y N 268 
NAP O3   O N N 269 
NAP PN   P N N 270 
NAP O1N  O N N 271 
NAP O2N  O N N 272 
NAP O5D  O N N 273 
NAP C5D  C N N 274 
NAP C4D  C N R 275 
NAP O4D  O N N 276 
NAP C3D  C N S 277 
NAP O3D  O N N 278 
NAP C2D  C N R 279 
NAP O2D  O N N 280 
NAP C1D  C N R 281 
NAP N1N  N Y N 282 
NAP C2N  C Y N 283 
NAP C3N  C Y N 284 
NAP C7N  C N N 285 
NAP O7N  O N N 286 
NAP N7N  N N N 287 
NAP C4N  C Y N 288 
NAP C5N  C Y N 289 
NAP C6N  C Y N 290 
NAP P2B  P N N 291 
NAP O1X  O N N 292 
NAP O2X  O N N 293 
NAP O3X  O N N 294 
NAP HOA2 H N N 295 
NAP H51A H N N 296 
NAP H52A H N N 297 
NAP H4B  H N N 298 
NAP H3B  H N N 299 
NAP HO3A H N N 300 
NAP H2B  H N N 301 
NAP H1B  H N N 302 
NAP H8A  H N N 303 
NAP H61A H N N 304 
NAP H62A H N N 305 
NAP H2A  H N N 306 
NAP H51N H N N 307 
NAP H52N H N N 308 
NAP H4D  H N N 309 
NAP H3D  H N N 310 
NAP HO3N H N N 311 
NAP H2D  H N N 312 
NAP HO2N H N N 313 
NAP H1D  H N N 314 
NAP H2N  H N N 315 
NAP H71N H N N 316 
NAP H72N H N N 317 
NAP H4N  H N N 318 
NAP H5N  H N N 319 
NAP H6N  H N N 320 
NAP HOP2 H N N 321 
NAP HOP3 H N N 322 
PHE N    N N N 323 
PHE CA   C N S 324 
PHE C    C N N 325 
PHE O    O N N 326 
PHE CB   C N N 327 
PHE CG   C Y N 328 
PHE CD1  C Y N 329 
PHE CD2  C Y N 330 
PHE CE1  C Y N 331 
PHE CE2  C Y N 332 
PHE CZ   C Y N 333 
PHE OXT  O N N 334 
PHE H    H N N 335 
PHE H2   H N N 336 
PHE HA   H N N 337 
PHE HB2  H N N 338 
PHE HB3  H N N 339 
PHE HD1  H N N 340 
PHE HD2  H N N 341 
PHE HE1  H N N 342 
PHE HE2  H N N 343 
PHE HZ   H N N 344 
PHE HXT  H N N 345 
PRO N    N N N 346 
PRO CA   C N S 347 
PRO C    C N N 348 
PRO O    O N N 349 
PRO CB   C N N 350 
PRO CG   C N N 351 
PRO CD   C N N 352 
PRO OXT  O N N 353 
PRO H    H N N 354 
PRO HA   H N N 355 
PRO HB2  H N N 356 
PRO HB3  H N N 357 
PRO HG2  H N N 358 
PRO HG3  H N N 359 
PRO HD2  H N N 360 
PRO HD3  H N N 361 
PRO HXT  H N N 362 
SER N    N N N 363 
SER CA   C N S 364 
SER C    C N N 365 
SER O    O N N 366 
SER CB   C N N 367 
SER OG   O N N 368 
SER OXT  O N N 369 
SER H    H N N 370 
SER H2   H N N 371 
SER HA   H N N 372 
SER HB2  H N N 373 
SER HB3  H N N 374 
SER HG   H N N 375 
SER HXT  H N N 376 
THR N    N N N 377 
THR CA   C N S 378 
THR C    C N N 379 
THR O    O N N 380 
THR CB   C N R 381 
THR OG1  O N N 382 
THR CG2  C N N 383 
THR OXT  O N N 384 
THR H    H N N 385 
THR H2   H N N 386 
THR HA   H N N 387 
THR HB   H N N 388 
THR HG1  H N N 389 
THR HG21 H N N 390 
THR HG22 H N N 391 
THR HG23 H N N 392 
THR HXT  H N N 393 
TRP N    N N N 394 
TRP CA   C N S 395 
TRP C    C N N 396 
TRP O    O N N 397 
TRP CB   C N N 398 
TRP CG   C Y N 399 
TRP CD1  C Y N 400 
TRP CD2  C Y N 401 
TRP NE1  N Y N 402 
TRP CE2  C Y N 403 
TRP CE3  C Y N 404 
TRP CZ2  C Y N 405 
TRP CZ3  C Y N 406 
TRP CH2  C Y N 407 
TRP OXT  O N N 408 
TRP H    H N N 409 
TRP H2   H N N 410 
TRP HA   H N N 411 
TRP HB2  H N N 412 
TRP HB3  H N N 413 
TRP HD1  H N N 414 
TRP HE1  H N N 415 
TRP HE3  H N N 416 
TRP HZ2  H N N 417 
TRP HZ3  H N N 418 
TRP HH2  H N N 419 
TRP HXT  H N N 420 
TYR N    N N N 421 
TYR CA   C N S 422 
TYR C    C N N 423 
TYR O    O N N 424 
TYR CB   C N N 425 
TYR CG   C Y N 426 
TYR CD1  C Y N 427 
TYR CD2  C Y N 428 
TYR CE1  C Y N 429 
TYR CE2  C Y N 430 
TYR CZ   C Y N 431 
TYR OH   O N N 432 
TYR OXT  O N N 433 
TYR H    H N N 434 
TYR H2   H N N 435 
TYR HA   H N N 436 
TYR HB2  H N N 437 
TYR HB3  H N N 438 
TYR HD1  H N N 439 
TYR HD2  H N N 440 
TYR HE1  H N N 441 
TYR HE2  H N N 442 
TYR HH   H N N 443 
TYR HXT  H N N 444 
VAL N    N N N 445 
VAL CA   C N S 446 
VAL C    C N N 447 
VAL O    O N N 448 
VAL CB   C N N 449 
VAL CG1  C N N 450 
VAL CG2  C N N 451 
VAL OXT  O N N 452 
VAL H    H N N 453 
VAL H2   H N N 454 
VAL HA   H N N 455 
VAL HB   H N N 456 
VAL HG11 H N N 457 
VAL HG12 H N N 458 
VAL HG13 H N N 459 
VAL HG21 H N N 460 
VAL HG22 H N N 461 
VAL HG23 H N N 462 
VAL HXT  H N N 463 
ZST C1   C Y N 464 
ZST O1   O N N 465 
ZST C2   C Y N 466 
ZST C3   C Y N 467 
ZST C4   C Y N 468 
ZST C5   C Y N 469 
ZST C6   C Y N 470 
ZST C7   C Y N 471 
ZST C8   C Y N 472 
ZST N1   N Y N 473 
ZST N2   N Y N 474 
ZST C9   C N N 475 
ZST C10  C Y N 476 
ZST C11  C Y N 477 
ZST C12  C Y N 478 
ZST C13  C Y N 479 
ZST C14  C Y N 480 
ZST C15  C Y N 481 
ZST C16  C Y N 482 
ZST N3   N Y N 483 
ZST S1   S Y N 484 
ZST C17  C N N 485 
ZST C18  C N N 486 
ZST O2   O N N 487 
ZST O3   O N N 488 
ZST C19  C N N 489 
ZST F1   F N N 490 
ZST F2   F N N 491 
ZST F3   F N N 492 
ZST H5   H N N 493 
ZST H6   H N N 494 
ZST H7   H N N 495 
ZST H8   H N N 496 
ZST H91  H N N 497 
ZST H92  H N N 498 
ZST H13  H N N 499 
ZST H14  H N N 500 
ZST H16  H N N 501 
ZST H171 H N N 502 
ZST H172 H N N 503 
ZST HO3  H N N 504 
# 
loop_
_chem_comp_bond.comp_id 
_chem_comp_bond.atom_id_1 
_chem_comp_bond.atom_id_2 
_chem_comp_bond.value_order 
_chem_comp_bond.pdbx_aromatic_flag 
_chem_comp_bond.pdbx_stereo_config 
_chem_comp_bond.pdbx_ordinal 
ALA N   CA   sing N N 1   
ALA N   H    sing N N 2   
ALA N   H2   sing N N 3   
ALA CA  C    sing N N 4   
ALA CA  CB   sing N N 5   
ALA CA  HA   sing N N 6   
ALA C   O    doub N N 7   
ALA C   OXT  sing N N 8   
ALA CB  HB1  sing N N 9   
ALA CB  HB2  sing N N 10  
ALA CB  HB3  sing N N 11  
ALA OXT HXT  sing N N 12  
ARG N   CA   sing N N 13  
ARG N   H    sing N N 14  
ARG N   H2   sing N N 15  
ARG CA  C    sing N N 16  
ARG CA  CB   sing N N 17  
ARG CA  HA   sing N N 18  
ARG C   O    doub N N 19  
ARG C   OXT  sing N N 20  
ARG CB  CG   sing N N 21  
ARG CB  HB2  sing N N 22  
ARG CB  HB3  sing N N 23  
ARG CG  CD   sing N N 24  
ARG CG  HG2  sing N N 25  
ARG CG  HG3  sing N N 26  
ARG CD  NE   sing N N 27  
ARG CD  HD2  sing N N 28  
ARG CD  HD3  sing N N 29  
ARG NE  CZ   sing N N 30  
ARG NE  HE   sing N N 31  
ARG CZ  NH1  sing N N 32  
ARG CZ  NH2  doub N N 33  
ARG NH1 HH11 sing N N 34  
ARG NH1 HH12 sing N N 35  
ARG NH2 HH21 sing N N 36  
ARG NH2 HH22 sing N N 37  
ARG OXT HXT  sing N N 38  
ASN N   CA   sing N N 39  
ASN N   H    sing N N 40  
ASN N   H2   sing N N 41  
ASN CA  C    sing N N 42  
ASN CA  CB   sing N N 43  
ASN CA  HA   sing N N 44  
ASN C   O    doub N N 45  
ASN C   OXT  sing N N 46  
ASN CB  CG   sing N N 47  
ASN CB  HB2  sing N N 48  
ASN CB  HB3  sing N N 49  
ASN CG  OD1  doub N N 50  
ASN CG  ND2  sing N N 51  
ASN ND2 HD21 sing N N 52  
ASN ND2 HD22 sing N N 53  
ASN OXT HXT  sing N N 54  
ASP N   CA   sing N N 55  
ASP N   H    sing N N 56  
ASP N   H2   sing N N 57  
ASP CA  C    sing N N 58  
ASP CA  CB   sing N N 59  
ASP CA  HA   sing N N 60  
ASP C   O    doub N N 61  
ASP C   OXT  sing N N 62  
ASP CB  CG   sing N N 63  
ASP CB  HB2  sing N N 64  
ASP CB  HB3  sing N N 65  
ASP CG  OD1  doub N N 66  
ASP CG  OD2  sing N N 67  
ASP OD2 HD2  sing N N 68  
ASP OXT HXT  sing N N 69  
CYS N   CA   sing N N 70  
CYS N   H    sing N N 71  
CYS N   H2   sing N N 72  
CYS CA  C    sing N N 73  
CYS CA  CB   sing N N 74  
CYS CA  HA   sing N N 75  
CYS C   O    doub N N 76  
CYS C   OXT  sing N N 77  
CYS CB  SG   sing N N 78  
CYS CB  HB2  sing N N 79  
CYS CB  HB3  sing N N 80  
CYS SG  HG   sing N N 81  
CYS OXT HXT  sing N N 82  
GLN N   CA   sing N N 83  
GLN N   H    sing N N 84  
GLN N   H2   sing N N 85  
GLN CA  C    sing N N 86  
GLN CA  CB   sing N N 87  
GLN CA  HA   sing N N 88  
GLN C   O    doub N N 89  
GLN C   OXT  sing N N 90  
GLN CB  CG   sing N N 91  
GLN CB  HB2  sing N N 92  
GLN CB  HB3  sing N N 93  
GLN CG  CD   sing N N 94  
GLN CG  HG2  sing N N 95  
GLN CG  HG3  sing N N 96  
GLN CD  OE1  doub N N 97  
GLN CD  NE2  sing N N 98  
GLN NE2 HE21 sing N N 99  
GLN NE2 HE22 sing N N 100 
GLN OXT HXT  sing N N 101 
GLU N   CA   sing N N 102 
GLU N   H    sing N N 103 
GLU N   H2   sing N N 104 
GLU CA  C    sing N N 105 
GLU CA  CB   sing N N 106 
GLU CA  HA   sing N N 107 
GLU C   O    doub N N 108 
GLU C   OXT  sing N N 109 
GLU CB  CG   sing N N 110 
GLU CB  HB2  sing N N 111 
GLU CB  HB3  sing N N 112 
GLU CG  CD   sing N N 113 
GLU CG  HG2  sing N N 114 
GLU CG  HG3  sing N N 115 
GLU CD  OE1  doub N N 116 
GLU CD  OE2  sing N N 117 
GLU OE2 HE2  sing N N 118 
GLU OXT HXT  sing N N 119 
GLY N   CA   sing N N 120 
GLY N   H    sing N N 121 
GLY N   H2   sing N N 122 
GLY CA  C    sing N N 123 
GLY CA  HA2  sing N N 124 
GLY CA  HA3  sing N N 125 
GLY C   O    doub N N 126 
GLY C   OXT  sing N N 127 
GLY OXT HXT  sing N N 128 
HIS N   CA   sing N N 129 
HIS N   H    sing N N 130 
HIS N   H2   sing N N 131 
HIS CA  C    sing N N 132 
HIS CA  CB   sing N N 133 
HIS CA  HA   sing N N 134 
HIS C   O    doub N N 135 
HIS C   OXT  sing N N 136 
HIS CB  CG   sing N N 137 
HIS CB  HB2  sing N N 138 
HIS CB  HB3  sing N N 139 
HIS CG  ND1  sing Y N 140 
HIS CG  CD2  doub Y N 141 
HIS ND1 CE1  doub Y N 142 
HIS ND1 HD1  sing N N 143 
HIS CD2 NE2  sing Y N 144 
HIS CD2 HD2  sing N N 145 
HIS CE1 NE2  sing Y N 146 
HIS CE1 HE1  sing N N 147 
HIS NE2 HE2  sing N N 148 
HIS OXT HXT  sing N N 149 
ILE N   CA   sing N N 150 
ILE N   H    sing N N 151 
ILE N   H2   sing N N 152 
ILE CA  C    sing N N 153 
ILE CA  CB   sing N N 154 
ILE CA  HA   sing N N 155 
ILE C   O    doub N N 156 
ILE C   OXT  sing N N 157 
ILE CB  CG1  sing N N 158 
ILE CB  CG2  sing N N 159 
ILE CB  HB   sing N N 160 
ILE CG1 CD1  sing N N 161 
ILE CG1 HG12 sing N N 162 
ILE CG1 HG13 sing N N 163 
ILE CG2 HG21 sing N N 164 
ILE CG2 HG22 sing N N 165 
ILE CG2 HG23 sing N N 166 
ILE CD1 HD11 sing N N 167 
ILE CD1 HD12 sing N N 168 
ILE CD1 HD13 sing N N 169 
ILE OXT HXT  sing N N 170 
LEU N   CA   sing N N 171 
LEU N   H    sing N N 172 
LEU N   H2   sing N N 173 
LEU CA  C    sing N N 174 
LEU CA  CB   sing N N 175 
LEU CA  HA   sing N N 176 
LEU C   O    doub N N 177 
LEU C   OXT  sing N N 178 
LEU CB  CG   sing N N 179 
LEU CB  HB2  sing N N 180 
LEU CB  HB3  sing N N 181 
LEU CG  CD1  sing N N 182 
LEU CG  CD2  sing N N 183 
LEU CG  HG   sing N N 184 
LEU CD1 HD11 sing N N 185 
LEU CD1 HD12 sing N N 186 
LEU CD1 HD13 sing N N 187 
LEU CD2 HD21 sing N N 188 
LEU CD2 HD22 sing N N 189 
LEU CD2 HD23 sing N N 190 
LEU OXT HXT  sing N N 191 
LYS N   CA   sing N N 192 
LYS N   H    sing N N 193 
LYS N   H2   sing N N 194 
LYS CA  C    sing N N 195 
LYS CA  CB   sing N N 196 
LYS CA  HA   sing N N 197 
LYS C   O    doub N N 198 
LYS C   OXT  sing N N 199 
LYS CB  CG   sing N N 200 
LYS CB  HB2  sing N N 201 
LYS CB  HB3  sing N N 202 
LYS CG  CD   sing N N 203 
LYS CG  HG2  sing N N 204 
LYS CG  HG3  sing N N 205 
LYS CD  CE   sing N N 206 
LYS CD  HD2  sing N N 207 
LYS CD  HD3  sing N N 208 
LYS CE  NZ   sing N N 209 
LYS CE  HE2  sing N N 210 
LYS CE  HE3  sing N N 211 
LYS NZ  HZ1  sing N N 212 
LYS NZ  HZ2  sing N N 213 
LYS NZ  HZ3  sing N N 214 
LYS OXT HXT  sing N N 215 
MET N   CA   sing N N 216 
MET N   H    sing N N 217 
MET N   H2   sing N N 218 
MET CA  C    sing N N 219 
MET CA  CB   sing N N 220 
MET CA  HA   sing N N 221 
MET C   O    doub N N 222 
MET C   OXT  sing N N 223 
MET CB  CG   sing N N 224 
MET CB  HB2  sing N N 225 
MET CB  HB3  sing N N 226 
MET CG  SD   sing N N 227 
MET CG  HG2  sing N N 228 
MET CG  HG3  sing N N 229 
MET SD  CE   sing N N 230 
MET CE  HE1  sing N N 231 
MET CE  HE2  sing N N 232 
MET CE  HE3  sing N N 233 
MET OXT HXT  sing N N 234 
NAP PA  O1A  doub N N 235 
NAP PA  O2A  sing N N 236 
NAP PA  O5B  sing N N 237 
NAP PA  O3   sing N N 238 
NAP O2A HOA2 sing N N 239 
NAP O5B C5B  sing N N 240 
NAP C5B C4B  sing N N 241 
NAP C5B H51A sing N N 242 
NAP C5B H52A sing N N 243 
NAP C4B O4B  sing N N 244 
NAP C4B C3B  sing N N 245 
NAP C4B H4B  sing N N 246 
NAP O4B C1B  sing N N 247 
NAP C3B O3B  sing N N 248 
NAP C3B C2B  sing N N 249 
NAP C3B H3B  sing N N 250 
NAP O3B HO3A sing N N 251 
NAP C2B O2B  sing N N 252 
NAP C2B C1B  sing N N 253 
NAP C2B H2B  sing N N 254 
NAP O2B P2B  sing N N 255 
NAP C1B N9A  sing N N 256 
NAP C1B H1B  sing N N 257 
NAP N9A C8A  sing Y N 258 
NAP N9A C4A  sing Y N 259 
NAP C8A N7A  doub Y N 260 
NAP C8A H8A  sing N N 261 
NAP N7A C5A  sing Y N 262 
NAP C5A C6A  sing Y N 263 
NAP C5A C4A  doub Y N 264 
NAP C6A N6A  sing N N 265 
NAP C6A N1A  doub Y N 266 
NAP N6A H61A sing N N 267 
NAP N6A H62A sing N N 268 
NAP N1A C2A  sing Y N 269 
NAP C2A N3A  doub Y N 270 
NAP C2A H2A  sing N N 271 
NAP N3A C4A  sing Y N 272 
NAP O3  PN   sing N N 273 
NAP PN  O1N  doub N N 274 
NAP PN  O2N  sing N N 275 
NAP PN  O5D  sing N N 276 
NAP O5D C5D  sing N N 277 
NAP C5D C4D  sing N N 278 
NAP C5D H51N sing N N 279 
NAP C5D H52N sing N N 280 
NAP C4D O4D  sing N N 281 
NAP C4D C3D  sing N N 282 
NAP C4D H4D  sing N N 283 
NAP O4D C1D  sing N N 284 
NAP C3D O3D  sing N N 285 
NAP C3D C2D  sing N N 286 
NAP C3D H3D  sing N N 287 
NAP O3D HO3N sing N N 288 
NAP C2D O2D  sing N N 289 
NAP C2D C1D  sing N N 290 
NAP C2D H2D  sing N N 291 
NAP O2D HO2N sing N N 292 
NAP C1D N1N  sing N N 293 
NAP C1D H1D  sing N N 294 
NAP N1N C2N  sing Y N 295 
NAP N1N C6N  doub Y N 296 
NAP C2N C3N  doub Y N 297 
NAP C2N H2N  sing N N 298 
NAP C3N C7N  sing N N 299 
NAP C3N C4N  sing Y N 300 
NAP C7N O7N  doub N N 301 
NAP C7N N7N  sing N N 302 
NAP N7N H71N sing N N 303 
NAP N7N H72N sing N N 304 
NAP C4N C5N  doub Y N 305 
NAP C4N H4N  sing N N 306 
NAP C5N C6N  sing Y N 307 
NAP C5N H5N  sing N N 308 
NAP C6N H6N  sing N N 309 
NAP P2B O1X  doub N N 310 
NAP P2B O2X  sing N N 311 
NAP P2B O3X  sing N N 312 
NAP O2X HOP2 sing N N 313 
NAP O3X HOP3 sing N N 314 
PHE N   CA   sing N N 315 
PHE N   H    sing N N 316 
PHE N   H2   sing N N 317 
PHE CA  C    sing N N 318 
PHE CA  CB   sing N N 319 
PHE CA  HA   sing N N 320 
PHE C   O    doub N N 321 
PHE C   OXT  sing N N 322 
PHE CB  CG   sing N N 323 
PHE CB  HB2  sing N N 324 
PHE CB  HB3  sing N N 325 
PHE CG  CD1  doub Y N 326 
PHE CG  CD2  sing Y N 327 
PHE CD1 CE1  sing Y N 328 
PHE CD1 HD1  sing N N 329 
PHE CD2 CE2  doub Y N 330 
PHE CD2 HD2  sing N N 331 
PHE CE1 CZ   doub Y N 332 
PHE CE1 HE1  sing N N 333 
PHE CE2 CZ   sing Y N 334 
PHE CE2 HE2  sing N N 335 
PHE CZ  HZ   sing N N 336 
PHE OXT HXT  sing N N 337 
PRO N   CA   sing N N 338 
PRO N   CD   sing N N 339 
PRO N   H    sing N N 340 
PRO CA  C    sing N N 341 
PRO CA  CB   sing N N 342 
PRO CA  HA   sing N N 343 
PRO C   O    doub N N 344 
PRO C   OXT  sing N N 345 
PRO CB  CG   sing N N 346 
PRO CB  HB2  sing N N 347 
PRO CB  HB3  sing N N 348 
PRO CG  CD   sing N N 349 
PRO CG  HG2  sing N N 350 
PRO CG  HG3  sing N N 351 
PRO CD  HD2  sing N N 352 
PRO CD  HD3  sing N N 353 
PRO OXT HXT  sing N N 354 
SER N   CA   sing N N 355 
SER N   H    sing N N 356 
SER N   H2   sing N N 357 
SER CA  C    sing N N 358 
SER CA  CB   sing N N 359 
SER CA  HA   sing N N 360 
SER C   O    doub N N 361 
SER C   OXT  sing N N 362 
SER CB  OG   sing N N 363 
SER CB  HB2  sing N N 364 
SER CB  HB3  sing N N 365 
SER OG  HG   sing N N 366 
SER OXT HXT  sing N N 367 
THR N   CA   sing N N 368 
THR N   H    sing N N 369 
THR N   H2   sing N N 370 
THR CA  C    sing N N 371 
THR CA  CB   sing N N 372 
THR CA  HA   sing N N 373 
THR C   O    doub N N 374 
THR C   OXT  sing N N 375 
THR CB  OG1  sing N N 376 
THR CB  CG2  sing N N 377 
THR CB  HB   sing N N 378 
THR OG1 HG1  sing N N 379 
THR CG2 HG21 sing N N 380 
THR CG2 HG22 sing N N 381 
THR CG2 HG23 sing N N 382 
THR OXT HXT  sing N N 383 
TRP N   CA   sing N N 384 
TRP N   H    sing N N 385 
TRP N   H2   sing N N 386 
TRP CA  C    sing N N 387 
TRP CA  CB   sing N N 388 
TRP CA  HA   sing N N 389 
TRP C   O    doub N N 390 
TRP C   OXT  sing N N 391 
TRP CB  CG   sing N N 392 
TRP CB  HB2  sing N N 393 
TRP CB  HB3  sing N N 394 
TRP CG  CD1  doub Y N 395 
TRP CG  CD2  sing Y N 396 
TRP CD1 NE1  sing Y N 397 
TRP CD1 HD1  sing N N 398 
TRP CD2 CE2  doub Y N 399 
TRP CD2 CE3  sing Y N 400 
TRP NE1 CE2  sing Y N 401 
TRP NE1 HE1  sing N N 402 
TRP CE2 CZ2  sing Y N 403 
TRP CE3 CZ3  doub Y N 404 
TRP CE3 HE3  sing N N 405 
TRP CZ2 CH2  doub Y N 406 
TRP CZ2 HZ2  sing N N 407 
TRP CZ3 CH2  sing Y N 408 
TRP CZ3 HZ3  sing N N 409 
TRP CH2 HH2  sing N N 410 
TRP OXT HXT  sing N N 411 
TYR N   CA   sing N N 412 
TYR N   H    sing N N 413 
TYR N   H2   sing N N 414 
TYR CA  C    sing N N 415 
TYR CA  CB   sing N N 416 
TYR CA  HA   sing N N 417 
TYR C   O    doub N N 418 
TYR C   OXT  sing N N 419 
TYR CB  CG   sing N N 420 
TYR CB  HB2  sing N N 421 
TYR CB  HB3  sing N N 422 
TYR CG  CD1  doub Y N 423 
TYR CG  CD2  sing Y N 424 
TYR CD1 CE1  sing Y N 425 
TYR CD1 HD1  sing N N 426 
TYR CD2 CE2  doub Y N 427 
TYR CD2 HD2  sing N N 428 
TYR CE1 CZ   doub Y N 429 
TYR CE1 HE1  sing N N 430 
TYR CE2 CZ   sing Y N 431 
TYR CE2 HE2  sing N N 432 
TYR CZ  OH   sing N N 433 
TYR OH  HH   sing N N 434 
TYR OXT HXT  sing N N 435 
VAL N   CA   sing N N 436 
VAL N   H    sing N N 437 
VAL N   H2   sing N N 438 
VAL CA  C    sing N N 439 
VAL CA  CB   sing N N 440 
VAL CA  HA   sing N N 441 
VAL C   O    doub N N 442 
VAL C   OXT  sing N N 443 
VAL CB  CG1  sing N N 444 
VAL CB  CG2  sing N N 445 
VAL CB  HB   sing N N 446 
VAL CG1 HG11 sing N N 447 
VAL CG1 HG12 sing N N 448 
VAL CG1 HG13 sing N N 449 
VAL CG2 HG21 sing N N 450 
VAL CG2 HG22 sing N N 451 
VAL CG2 HG23 sing N N 452 
VAL OXT HXT  sing N N 453 
ZST C1  O1   doub N N 454 
ZST C1  C2   sing Y N 455 
ZST C1  N1   sing Y N 456 
ZST C2  C3   doub Y N 457 
ZST C2  C5   sing Y N 458 
ZST C3  C4   sing Y N 459 
ZST C3  C8   sing Y N 460 
ZST C4  N2   doub Y N 461 
ZST C4  C17  sing N N 462 
ZST C5  C6   doub Y N 463 
ZST C5  H5   sing N N 464 
ZST C6  C7   sing Y N 465 
ZST C6  H6   sing N N 466 
ZST C7  C8   doub Y N 467 
ZST C7  H7   sing N N 468 
ZST C8  H8   sing N N 469 
ZST N1  N2   sing Y N 470 
ZST N1  C9   sing N N 471 
ZST C9  C10  sing N N 472 
ZST C9  H91  sing N N 473 
ZST C9  H92  sing N N 474 
ZST C10 N3   doub Y N 475 
ZST C10 S1   sing Y N 476 
ZST C11 C12  doub Y N 477 
ZST C11 C13  sing Y N 478 
ZST C11 S1   sing Y N 479 
ZST C12 C16  sing Y N 480 
ZST C12 N3   sing Y N 481 
ZST C13 C14  doub Y N 482 
ZST C13 H13  sing N N 483 
ZST C14 C15  sing Y N 484 
ZST C14 H14  sing N N 485 
ZST C15 C16  doub Y N 486 
ZST C15 C19  sing N N 487 
ZST C16 H16  sing N N 488 
ZST C17 C18  sing N N 489 
ZST C17 H171 sing N N 490 
ZST C17 H172 sing N N 491 
ZST C18 O2   doub N N 492 
ZST C18 O3   sing N N 493 
ZST O3  HO3  sing N N 494 
ZST C19 F1   sing N N 495 
ZST C19 F2   sing N N 496 
ZST C19 F3   sing N N 497 
# 
_pdbx_coordinate_model.asym_id   A 
_pdbx_coordinate_model.type      'CA ATOMS ONLY' 
# 
_atom_sites.entry_id                    1MAR 
_atom_sites.fract_transf_matrix[1][1]   -0.01776620 
_atom_sites.fract_transf_matrix[1][2]   -0.00943390 
_atom_sites.fract_transf_matrix[1][3]   0.00853397 
_atom_sites.fract_transf_matrix[2][1]   -0.00414959 
_atom_sites.fract_transf_matrix[2][2]   0.02216064 
_atom_sites.fract_transf_matrix[2][3]   0.00617662 
_atom_sites.fract_transf_matrix[3][1]   -0.00521693 
_atom_sites.fract_transf_matrix[3][2]   -0.00515109 
_atom_sites.fract_transf_matrix[3][3]   -0.02667068 
_atom_sites.fract_transf_vector[1]      1.658064 
_atom_sites.fract_transf_vector[2]      -0.685089 
_atom_sites.fract_transf_vector[3]      -0.121506 
# 
loop_
_atom_type.symbol 
C 
F 
N 
O 
P 
S 
# 
loop_
_atom_site.group_PDB 
_atom_site.id 
_atom_site.type_symbol 
_atom_site.label_atom_id 
_atom_site.label_alt_id 
_atom_site.label_comp_id 
_atom_site.label_asym_id 
_atom_site.label_entity_id 
_atom_site.label_seq_id 
_atom_site.pdbx_PDB_ins_code 
_atom_site.Cartn_x 
_atom_site.Cartn_y 
_atom_site.Cartn_z 
_atom_site.occupancy 
_atom_site.B_iso_or_equiv 
_atom_site.pdbx_formal_charge 
_atom_site.auth_seq_id 
_atom_site.auth_comp_id 
_atom_site.auth_asym_id 
_atom_site.auth_atom_id 
_atom_site.pdbx_PDB_model_num 
ATOM   1   C CA  . ALA A 1 1   ? -9.681  -11.829 12.057  1.00 54.09 ? 1   ALA A CA  1 
ATOM   2   C CA  . SER A 1 2   ? -11.172 -8.969  10.054  1.00 38.32 ? 2   SER A CA  1 
ATOM   3   C CA  . ARG A 1 3   ? -8.806  -6.465  11.712  1.00 30.10 ? 3   ARG A CA  1 
ATOM   4   C CA  . LEU A 1 4   ? -5.205  -6.552  12.837  1.00 22.19 ? 4   LEU A CA  1 
ATOM   5   C CA  . LEU A 1 5   ? -3.750  -4.766  15.872  1.00 20.94 ? 5   LEU A CA  1 
ATOM   6   C CA  . LEU A 1 6   ? -1.167  -2.013  15.268  1.00 18.59 ? 6   LEU A CA  1 
ATOM   7   C CA  . ASN A 1 7   ? 1.476   -0.893  17.818  1.00 21.23 ? 7   ASN A CA  1 
ATOM   8   C CA  . ASN A 1 8   ? -0.566  2.205   18.711  1.00 22.63 ? 8   ASN A CA  1 
ATOM   9   C CA  . GLY A 1 9   ? -3.489  0.087   19.911  1.00 18.94 ? 9   GLY A CA  1 
ATOM   10  C CA  . ALA A 1 10  ? -5.406  0.839   16.702  1.00 17.11 ? 10  ALA A CA  1 
ATOM   11  C CA  . LYS A 1 11  ? -7.129  -1.787  14.587  1.00 18.54 ? 11  LYS A CA  1 
ATOM   12  C CA  . MET A 1 12  ? -6.517  -1.999  10.862  1.00 15.61 ? 12  MET A CA  1 
ATOM   13  C CA  . PRO A 1 13  ? -9.025  -3.709  8.531   1.00 13.23 ? 13  PRO A CA  1 
ATOM   14  C CA  . ILE A 1 14  ? -7.364  -6.621  6.751   1.00 16.32 ? 14  ILE A CA  1 
ATOM   15  C CA  . LEU A 1 15  ? -9.121  -5.759  3.450   1.00 13.54 ? 15  LEU A CA  1 
ATOM   16  C CA  . GLY A 1 16  ? -8.762  -2.327  1.853   1.00 11.76 ? 16  GLY A CA  1 
ATOM   17  C CA  . LEU A 1 17  ? -9.477  -0.613  -1.464  1.00 12.07 ? 17  LEU A CA  1 
ATOM   18  C CA  . GLY A 1 18  ? -6.495  0.466   -3.611  1.00 12.55 ? 18  GLY A CA  1 
ATOM   19  C CA  . THR A 1 19  ? -6.730  3.657   -5.669  1.00 10.13 ? 19  THR A CA  1 
ATOM   20  C CA  . TRP A 1 20  ? -3.630  3.799   -7.922  1.00 12.66 ? 20  TRP A CA  1 
ATOM   21  C CA  . LYS A 1 21  ? -4.775  4.218   -11.584 1.00 15.95 ? 21  LYS A CA  1 
ATOM   22  C CA  . SER A 1 22  ? -8.360  4.962   -10.570 1.00 15.54 ? 22  SER A CA  1 
ATOM   23  C CA  . PRO A 1 23  ? -9.176  7.985   -12.736 1.00 17.14 ? 23  PRO A CA  1 
ATOM   24  C CA  . PRO A 1 24  ? -10.709 11.042  -10.997 1.00 17.27 ? 24  PRO A CA  1 
ATOM   25  C CA  . GLY A 1 25  ? -13.720 10.717  -13.241 1.00 21.46 ? 25  GLY A CA  1 
ATOM   26  C CA  . GLN A 1 26  ? -14.529 7.233   -11.921 1.00 19.05 ? 26  GLN A CA  1 
ATOM   27  C CA  . VAL A 1 27  ? -13.036 6.987   -8.444  1.00 14.67 ? 27  VAL A CA  1 
ATOM   28  C CA  . THR A 1 28  ? -15.718 8.905   -6.501  1.00 14.81 ? 28  THR A CA  1 
ATOM   29  C CA  . GLU A 1 29  ? -18.318 6.372   -7.564  1.00 16.70 ? 29  GLU A CA  1 
ATOM   30  C CA  . ALA A 1 30  ? -15.926 3.518   -6.819  1.00 12.77 ? 30  ALA A CA  1 
ATOM   31  C CA  . VAL A 1 31  ? -15.301 4.598   -3.253  1.00 12.87 ? 31  VAL A CA  1 
ATOM   32  C CA  . LYS A 1 32  ? -19.010 5.236   -2.611  1.00 15.10 ? 32  LYS A CA  1 
ATOM   33  C CA  . VAL A 1 33  ? -20.014 1.745   -3.714  1.00 14.80 ? 33  VAL A CA  1 
ATOM   34  C CA  . ALA A 1 34  ? -17.073 0.293   -1.749  1.00 11.47 ? 34  ALA A CA  1 
ATOM   35  C CA  . ILE A 1 35  ? -18.210 1.934   1.496   1.00 12.91 ? 35  ILE A CA  1 
ATOM   36  C CA  . ASP A 1 36  ? -21.786 0.746   0.871   1.00 14.46 ? 36  ASP A CA  1 
ATOM   37  C CA  . VAL A 1 37  ? -20.539 -2.816  0.438   1.00 17.49 ? 37  VAL A CA  1 
ATOM   38  C CA  . GLY A 1 38  ? -18.435 -2.948  3.624   1.00 13.56 ? 38  GLY A CA  1 
ATOM   39  C CA  . TYR A 1 39  ? -14.958 -1.597  2.876   1.00 13.90 ? 39  TYR A CA  1 
ATOM   40  C CA  . ARG A 1 40  ? -13.613 0.535   5.694   1.00 14.44 ? 40  ARG A CA  1 
ATOM   41  C CA  . HIS A 1 41  ? -10.001 0.817   4.613   1.00 12.51 ? 41  HIS A CA  1 
ATOM   42  C CA  . ILE A 1 42  ? -8.894  3.010   1.726   1.00 14.46 ? 42  ILE A CA  1 
ATOM   43  C CA  . ASP A 1 43  ? -5.318  3.174   0.447   1.00 10.21 ? 43  ASP A CA  1 
ATOM   44  C CA  . CYS A 1 44  ? -4.411  6.549   -1.088  1.00 9.32  ? 44  CYS A CA  1 
ATOM   45  C CA  . ALA A 1 45  ? -1.409  8.600   -2.209  1.00 10.70 ? 45  ALA A CA  1 
ATOM   46  C CA  . HIS A 1 46  ? -0.720  12.161  -3.370  1.00 10.55 ? 46  HIS A CA  1 
ATOM   47  C CA  . VAL A 1 47  ? 1.070   10.810  -6.417  1.00 11.09 ? 47  VAL A CA  1 
ATOM   48  C CA  . TYR A 1 48  ? -2.108  8.979   -7.439  1.00 10.34 ? 48  TYR A CA  1 
ATOM   49  C CA  . GLN A 1 49  ? -3.552  12.411  -8.250  1.00 13.51 ? 49  GLN A CA  1 
ATOM   50  C CA  . ASN A 1 50  ? -7.063  11.556  -7.160  1.00 10.89 ? 50  ASN A CA  1 
ATOM   51  C CA  . GLU A 1 51  ? -7.168  12.289  -3.426  1.00 11.96 ? 51  GLU A CA  1 
ATOM   52  C CA  . ASN A 1 52  ? -9.674  15.106  -3.896  1.00 15.66 ? 52  ASN A CA  1 
ATOM   53  C CA  . GLU A 1 53  ? -12.167 12.789  -5.618  1.00 13.77 ? 53  GLU A CA  1 
ATOM   54  C CA  . VAL A 1 54  ? -11.710 10.103  -2.970  1.00 14.35 ? 54  VAL A CA  1 
ATOM   55  C CA  . GLY A 1 55  ? -12.320 12.836  -0.388  1.00 14.24 ? 55  GLY A CA  1 
ATOM   56  C CA  . VAL A 1 56  ? -15.590 13.772  -2.075  1.00 17.05 ? 56  VAL A CA  1 
ATOM   57  C CA  . ALA A 1 57  ? -16.901 10.230  -1.838  1.00 15.34 ? 57  ALA A CA  1 
ATOM   58  C CA  . ILE A 1 58  ? -15.977 9.908   1.840   1.00 16.67 ? 58  ILE A CA  1 
ATOM   59  C CA  . GLN A 1 59  ? -17.540 13.229  2.775   1.00 19.56 ? 59  GLN A CA  1 
ATOM   60  C CA  . GLU A 1 60  ? -20.717 12.223  0.988   1.00 17.12 ? 60  GLU A CA  1 
ATOM   61  C CA  . LYS A 1 61  ? -21.093 8.955   2.894   1.00 14.08 ? 61  LYS A CA  1 
ATOM   62  C CA  . LEU A 1 62  ? -20.370 10.565  6.278   1.00 21.75 ? 62  LEU A CA  1 
ATOM   63  C CA  . ARG A 1 63  ? -23.155 12.969  5.443   1.00 29.71 ? 63  ARG A CA  1 
ATOM   64  C CA  . GLU A 1 64  ? -25.555 10.202  4.501   1.00 21.77 ? 64  GLU A CA  1 
ATOM   65  C CA  . GLN A 1 65  ? -24.825 8.617   7.890   1.00 21.77 ? 65  GLN A CA  1 
ATOM   66  C CA  . VAL A 1 66  ? -23.671 5.451   6.192   1.00 15.97 ? 66  VAL A CA  1 
ATOM   67  C CA  . VAL A 1 67  ? -20.477 5.423   8.264   1.00 18.02 ? 67  VAL A CA  1 
ATOM   68  C CA  . LYS A 1 68  ? -18.716 7.337   11.024  1.00 23.74 ? 68  LYS A CA  1 
ATOM   69  C CA  . ARG A 1 69  ? -15.220 8.749   10.556  1.00 19.91 ? 69  ARG A CA  1 
ATOM   70  C CA  . GLU A 1 70  ? -13.843 6.624   13.385  1.00 22.41 ? 70  GLU A CA  1 
ATOM   71  C CA  . GLU A 1 71  ? -14.962 3.404   11.676  1.00 18.92 ? 71  GLU A CA  1 
ATOM   72  C CA  . LEU A 1 72  ? -12.885 4.279   8.593   1.00 13.77 ? 72  LEU A CA  1 
ATOM   73  C CA  . PHE A 1 73  ? -9.112  3.665   8.191   1.00 10.78 ? 73  PHE A CA  1 
ATOM   74  C CA  . ILE A 1 74  ? -7.595  6.076   5.698   1.00 11.93 ? 74  ILE A CA  1 
ATOM   75  C CA  . VAL A 1 75  ? -4.055  5.692   4.518   1.00 10.35 ? 75  VAL A CA  1 
ATOM   76  C CA  . SER A 1 76  ? -1.947  8.072   2.481   1.00 10.11 ? 76  SER A CA  1 
ATOM   77  C CA  . LYS A 1 77  ? 1.764   8.355   1.675   1.00 9.08  ? 77  LYS A CA  1 
ATOM   78  C CA  . LEU A 1 78  ? 4.505   10.974  1.467   1.00 10.98 ? 78  LEU A CA  1 
ATOM   79  C CA  . TRP A 1 79  ? 5.974   11.216  -2.049  1.00 13.46 ? 79  TRP A CA  1 
ATOM   80  C CA  . CYS A 1 80  ? 9.662   11.092  -2.933  1.00 13.90 ? 80  CYS A CA  1 
ATOM   81  C CA  . THR A 1 81  ? 9.980   14.823  -3.714  1.00 14.76 ? 81  THR A CA  1 
ATOM   82  C CA  . TYR A 1 82  ? 9.065   15.768  -0.124  1.00 15.98 ? 82  TYR A CA  1 
ATOM   83  C CA  . HIS A 1 83  ? 11.616  13.871  1.944   1.00 13.61 ? 83  HIS A CA  1 
ATOM   84  C CA  . GLU A 1 84  ? 13.178  17.111  3.144   1.00 21.82 ? 84  GLU A CA  1 
ATOM   85  C CA  . LYS A 1 85  ? 12.353  17.618  6.827   1.00 22.74 ? 85  LYS A CA  1 
ATOM   86  C CA  . GLY A 1 86  ? 10.786  21.029  6.221   1.00 21.46 ? 86  GLY A CA  1 
ATOM   87  C CA  . LEU A 1 87  ? 8.597   19.732  3.389   1.00 16.66 ? 87  LEU A CA  1 
ATOM   88  C CA  . VAL A 1 88  ? 6.970   16.772  5.209   1.00 14.38 ? 88  VAL A CA  1 
ATOM   89  C CA  . LYS A 1 89  ? 4.304   18.631  7.215   1.00 16.18 ? 89  LYS A CA  1 
ATOM   90  C CA  . GLY A 1 90  ? 3.082   20.631  4.222   1.00 13.67 ? 90  GLY A CA  1 
ATOM   91  C CA  . ALA A 1 91  ? 2.757   17.550  2.029   1.00 12.60 ? 91  ALA A CA  1 
ATOM   92  C CA  . CYS A 1 92  ? 0.714   15.875  4.787   1.00 13.05 ? 92  CYS A CA  1 
ATOM   93  C CA  . GLN A 1 93  ? -1.493  18.927  5.145   1.00 16.75 ? 93  GLN A CA  1 
ATOM   94  C CA  . LYS A 1 94  ? -2.120  19.106  1.384   1.00 14.10 ? 94  LYS A CA  1 
ATOM   95  C CA  . THR A 1 95  ? -3.240  15.474  1.449   1.00 14.42 ? 95  THR A CA  1 
ATOM   96  C CA  . LEU A 1 96  ? -5.537  16.118  4.430   1.00 14.94 ? 96  LEU A CA  1 
ATOM   97  C CA  . SER A 1 97  ? -6.906  19.104  2.531   1.00 17.47 ? 97  SER A CA  1 
ATOM   98  C CA  . ASP A 1 98  ? -7.699  17.149  -0.589  1.00 14.45 ? 98  ASP A CA  1 
ATOM   99  C CA  . LEU A 1 99  ? -9.217  14.278  1.336   1.00 16.14 ? 99  LEU A CA  1 
ATOM   100 C CA  . LYS A 1 100 ? -11.196 16.710  3.523   1.00 18.92 ? 100 LYS A CA  1 
ATOM   101 C CA  . LEU A 1 101 ? -10.155 15.012  6.767   1.00 15.22 ? 101 LEU A CA  1 
ATOM   102 C CA  . ASP A 1 102 ? -8.523  16.375  9.884   1.00 19.22 ? 102 ASP A CA  1 
ATOM   103 C CA  . TYR A 1 103 ? -6.396  13.295  10.525  1.00 12.91 ? 103 TYR A CA  1 
ATOM   104 C CA  . LEU A 1 104 ? -5.076  10.239  8.709   1.00 12.47 ? 104 LEU A CA  1 
ATOM   105 C CA  . ASP A 1 105 ? -5.114  6.823   10.334  1.00 11.41 ? 105 ASP A CA  1 
ATOM   106 C CA  . LEU A 1 106 ? -1.789  5.919   8.779   1.00 12.46 ? 106 LEU A CA  1 
ATOM   107 C CA  . TYR A 1 107 ? 0.832   7.880   6.863   1.00 10.40 ? 107 TYR A CA  1 
ATOM   108 C CA  . LEU A 1 108 ? 3.753   6.115   5.122   1.00 11.10 ? 108 LEU A CA  1 
ATOM   109 C CA  . ILE A 1 109 ? 7.042   7.146   3.498   1.00 8.44  ? 109 ILE A CA  1 
ATOM   110 C CA  . HIS A 1 110 ? 6.024   6.034   -0.029  1.00 9.50  ? 110 HIS A CA  1 
ATOM   111 C CA  . TRP A 1 111 ? 9.480   4.895   -1.151  1.00 12.18 ? 111 TRP A CA  1 
ATOM   112 C CA  . PRO A 1 112 ? 12.851  5.044   0.722   1.00 12.90 ? 112 PRO A CA  1 
ATOM   113 C CA  . THR A 1 113 ? 14.380  7.230   -2.001  1.00 12.54 ? 113 THR A CA  1 
ATOM   114 C CA  . GLY A 1 114 ? 14.345  11.010  -1.870  1.00 12.98 ? 114 GLY A CA  1 
ATOM   115 C CA  . PHE A 1 115 ? 13.981  12.856  -5.173  1.00 13.76 ? 115 PHE A CA  1 
ATOM   116 C CA  . LYS A 1 116 ? 14.891  16.442  -6.027  1.00 18.87 ? 116 LYS A CA  1 
ATOM   117 C CA  . PRO A 1 117 ? 12.179  18.837  -4.832  1.00 20.46 ? 117 PRO A CA  1 
ATOM   118 C CA  . GLY A 1 118 ? 9.960   20.543  -7.369  1.00 23.80 ? 118 GLY A CA  1 
ATOM   119 C CA  . LYS A 1 119 ? 6.719   20.120  -9.288  1.00 30.00 ? 119 LYS A CA  1 
ATOM   120 C CA  . GLU A 1 120 ? 7.831   17.055  -11.239 1.00 24.53 ? 120 GLU A CA  1 
ATOM   121 C CA  . PHE A 1 121 ? 6.928   13.775  -9.533  1.00 19.40 ? 121 PHE A CA  1 
ATOM   122 C CA  . PHE A 1 122 ? 9.856   12.120  -11.326 1.00 18.04 ? 122 PHE A CA  1 
ATOM   123 C CA  . PRO A 1 123 ? 12.630  14.698  -12.018 1.00 18.66 ? 123 PRO A CA  1 
ATOM   124 C CA  . LEU A 1 124 ? 14.963  13.148  -14.613 1.00 21.82 ? 124 LEU A CA  1 
ATOM   125 C CA  . ASP A 1 125 ? 18.376  14.375  -15.790 1.00 27.74 ? 125 ASP A CA  1 
ATOM   126 C CA  . GLU A 1 126 ? 19.288  14.323  -19.493 1.00 44.51 ? 126 GLU A CA  1 
ATOM   127 C CA  . SER A 1 127 ? 20.073  10.590  -19.505 1.00 37.07 ? 127 SER A CA  1 
ATOM   128 C CA  . GLY A 1 128 ? 16.985  9.025   -17.912 1.00 29.63 ? 128 GLY A CA  1 
ATOM   129 C CA  . ASN A 1 129 ? 18.305  8.889   -14.346 1.00 24.90 ? 129 ASN A CA  1 
ATOM   130 C CA  . VAL A 1 130 ? 16.144  10.239  -11.520 1.00 18.92 ? 130 VAL A CA  1 
ATOM   131 C CA  . VAL A 1 131 ? 17.671  13.252  -9.809  1.00 16.32 ? 131 VAL A CA  1 
ATOM   132 C CA  . PRO A 1 132 ? 18.114  12.492  -6.075  1.00 14.99 ? 132 PRO A CA  1 
ATOM   133 C CA  . SER A 1 133 ? 17.726  14.835  -3.148  1.00 15.31 ? 133 SER A CA  1 
ATOM   134 C CA  . ASP A 1 134 ? 20.408  14.922  -0.446  1.00 23.82 ? 134 ASP A CA  1 
ATOM   135 C CA  . THR A 1 135 ? 18.040  13.536  2.206   1.00 19.27 ? 135 THR A CA  1 
ATOM   136 C CA  . ASN A 1 136 ? 18.308  10.376  4.217   1.00 21.94 ? 136 ASN A CA  1 
ATOM   137 C CA  . ILE A 1 137 ? 15.799  7.962   5.672   1.00 20.51 ? 137 ILE A CA  1 
ATOM   138 C CA  . LEU A 1 138 ? 16.385  8.814   9.344   1.00 18.69 ? 138 LEU A CA  1 
ATOM   139 C CA  . ASP A 1 139 ? 15.855  12.545  8.941   1.00 17.15 ? 139 ASP A CA  1 
ATOM   140 C CA  . THR A 1 140 ? 12.651  11.861  7.057   1.00 14.90 ? 140 THR A CA  1 
ATOM   141 C CA  . TRP A 1 141 ? 11.488  9.511   9.807   1.00 14.52 ? 141 TRP A CA  1 
ATOM   142 C CA  . ALA A 1 142 ? 12.008  12.195  12.476  1.00 15.20 ? 142 ALA A CA  1 
ATOM   143 C CA  . ALA A 1 143 ? 9.822   14.561  10.478  1.00 13.39 ? 143 ALA A CA  1 
ATOM   144 C CA  . MET A 1 144 ? 7.107   11.894  10.273  1.00 12.31 ? 144 MET A CA  1 
ATOM   145 C CA  . GLU A 1 145 ? 7.277   11.384  14.048  1.00 13.41 ? 145 GLU A CA  1 
ATOM   146 C CA  . GLU A 1 146 ? 6.440   15.062  14.433  1.00 19.27 ? 146 GLU A CA  1 
ATOM   147 C CA  . LEU A 1 147 ? 3.182   14.579  12.600  1.00 12.47 ? 147 LEU A CA  1 
ATOM   148 C CA  . VAL A 1 148 ? 2.106   12.035  15.167  1.00 12.81 ? 148 VAL A CA  1 
ATOM   149 C CA  . ASP A 1 149 ? 3.023   14.495  17.896  1.00 18.94 ? 149 ASP A CA  1 
ATOM   150 C CA  . GLU A 1 150 ? 0.944   17.230  16.309  1.00 20.50 ? 150 GLU A CA  1 
ATOM   151 C CA  . GLY A 1 151 ? -2.127  15.018  15.974  1.00 18.46 ? 151 GLY A CA  1 
ATOM   152 C CA  . LEU A 1 152 ? -2.214  15.072  12.171  1.00 14.83 ? 152 LEU A CA  1 
ATOM   153 C CA  . VAL A 1 153 ? -1.691  11.305  11.907  1.00 15.15 ? 153 VAL A CA  1 
ATOM   154 C CA  . LYS A 1 154 ? -2.333  8.487   14.366  1.00 15.21 ? 154 LYS A CA  1 
ATOM   155 C CA  . ALA A 1 155 ? 0.314   6.066   13.096  1.00 13.32 ? 155 ALA A CA  1 
ATOM   156 C CA  . ILE A 1 156 ? 3.313   6.199   10.772  1.00 12.50 ? 156 ILE A CA  1 
ATOM   157 C CA  . GLY A 1 157 ? 4.970   3.536   8.633   1.00 10.83 ? 157 GLY A CA  1 
ATOM   158 C CA  . ILE A 1 158 ? 7.012   2.771   5.542   1.00 10.73 ? 158 ILE A CA  1 
ATOM   159 C CA  . SER A 1 159 ? 6.599   1.238   2.115   1.00 10.61 ? 159 SER A CA  1 
ATOM   160 C CA  . ASN A 1 160 ? 9.041   -0.574  -0.176  1.00 12.53 ? 160 ASN A CA  1 
ATOM   161 C CA  . PHE A 1 161 ? 11.784  -0.696  2.472   1.00 12.36 ? 161 PHE A CA  1 
ATOM   162 C CA  . ASN A 1 162 ? 14.160  -3.692  2.547   1.00 15.42 ? 162 ASN A CA  1 
ATOM   163 C CA  . HIS A 1 163 ? 15.051  -5.351  5.899   1.00 18.83 ? 163 HIS A CA  1 
ATOM   164 C CA  . LEU A 1 164 ? 18.189  -3.261  6.333   1.00 17.47 ? 164 LEU A CA  1 
ATOM   165 C CA  . GLN A 1 165 ? 16.301  0.004   5.751   1.00 14.33 ? 165 GLN A CA  1 
ATOM   166 C CA  . VAL A 1 166 ? 13.751  -1.124  8.337   1.00 16.54 ? 166 VAL A CA  1 
ATOM   167 C CA  . GLU A 1 167 ? 16.651  -1.898  10.626  1.00 20.77 ? 167 GLU A CA  1 
ATOM   168 C CA  . MET A 1 168 ? 18.089  1.593   10.357  1.00 23.28 ? 168 MET A CA  1 
ATOM   169 C CA  . ILE A 1 169 ? 14.879  3.068   11.724  1.00 18.53 ? 169 ILE A CA  1 
ATOM   170 C CA  . LEU A 1 170 ? 14.455  0.418   14.378  1.00 20.10 ? 170 LEU A CA  1 
ATOM   171 C CA  . ASN A 1 171 ? 17.950  1.163   15.596  1.00 23.46 ? 171 ASN A CA  1 
ATOM   172 C CA  . LYS A 1 172 ? 17.801  4.959   15.405  1.00 23.93 ? 172 LYS A CA  1 
ATOM   173 C CA  . PRO A 1 173 ? 18.941  6.503   18.678  1.00 27.46 ? 173 PRO A CA  1 
ATOM   174 C CA  . GLY A 1 174 ? 16.184  8.533   20.220  1.00 18.69 ? 174 GLY A CA  1 
ATOM   175 C CA  . LEU A 1 175 ? 13.521  6.655   18.270  1.00 18.56 ? 175 LEU A CA  1 
ATOM   176 C CA  . LYS A 1 176 ? 10.110  7.924   19.375  1.00 17.00 ? 176 LYS A CA  1 
ATOM   177 C CA  . TYR A 1 177 ? 7.641   5.855   17.274  1.00 16.72 ? 177 TYR A CA  1 
ATOM   178 C CA  . LYS A 1 178 ? 8.306   2.424   15.755  1.00 19.62 ? 178 LYS A CA  1 
ATOM   179 C CA  . PRO A 1 179 ? 6.988   1.914   12.168  1.00 13.48 ? 179 PRO A CA  1 
ATOM   180 C CA  . ALA A 1 180 ? 3.546   0.327   12.412  1.00 12.36 ? 180 ALA A CA  1 
ATOM   181 C CA  . VAL A 1 181 ? 3.377   -1.034  8.865   1.00 12.96 ? 181 VAL A CA  1 
ATOM   182 C CA  . ASN A 1 182 ? 5.609   -1.875  5.869   1.00 10.87 ? 182 ASN A CA  1 
ATOM   183 C CA  . GLN A 1 183 ? 3.634   -1.879  2.628   1.00 10.05 ? 183 GLN A CA  1 
ATOM   184 C CA  . ILE A 1 184 ? 5.286   -4.050  -0.008  1.00 12.15 ? 184 ILE A CA  1 
ATOM   185 C CA  . GLU A 1 185 ? 4.515   -5.842  -3.244  1.00 12.77 ? 185 GLU A CA  1 
ATOM   186 C CA  . CYS A 1 186 ? 3.281   -9.361  -2.574  1.00 13.86 ? 186 CYS A CA  1 
ATOM   187 C CA  . HIS A 1 187 ? 1.550   -12.008 -4.707  1.00 12.59 ? 187 HIS A CA  1 
ATOM   188 C CA  . PRO A 1 188 ? 2.209   -15.599 -5.900  1.00 16.69 ? 188 PRO A CA  1 
ATOM   189 C CA  . TYR A 1 189 ? 5.073   -14.685 -8.271  1.00 14.20 ? 189 TYR A CA  1 
ATOM   190 C CA  . LEU A 1 190 ? 6.820   -12.623 -5.532  1.00 14.30 ? 190 LEU A CA  1 
ATOM   191 C CA  . THR A 1 191 ? 5.940   -14.230 -2.189  1.00 14.80 ? 191 THR A CA  1 
ATOM   192 C CA  . GLN A 1 192 ? 8.417   -12.321 0.012   1.00 15.57 ? 192 GLN A CA  1 
ATOM   193 C CA  . GLU A 1 193 ? 8.846   -15.059 2.625   1.00 19.83 ? 193 GLU A CA  1 
ATOM   194 C CA  . LYS A 1 194 ? 11.987  -13.556 4.189   1.00 19.95 ? 194 LYS A CA  1 
ATOM   195 C CA  . LEU A 1 195 ? 10.928  -9.917  4.347   1.00 16.72 ? 195 LEU A CA  1 
ATOM   196 C CA  . ILE A 1 196 ? 7.526   -10.944 5.759   1.00 16.81 ? 196 ILE A CA  1 
ATOM   197 C CA  . GLN A 1 197 ? 9.098   -13.075 8.491   1.00 24.53 ? 197 GLN A CA  1 
ATOM   198 C CA  . TYR A 1 198 ? 11.572  -10.354 9.323   1.00 17.72 ? 198 TYR A CA  1 
ATOM   199 C CA  . CYS A 1 199 ? 8.853   -7.729  9.634   1.00 15.45 ? 199 CYS A CA  1 
ATOM   200 C CA  . GLN A 1 200 ? 6.485   -9.935  11.565  1.00 17.60 ? 200 GLN A CA  1 
ATOM   201 C CA  . SER A 1 201 ? 9.153   -11.012 14.006  1.00 20.64 ? 201 SER A CA  1 
ATOM   202 C CA  . LYS A 1 202 ? 9.764   -7.304  14.720  1.00 23.05 ? 202 LYS A CA  1 
ATOM   203 C CA  . GLY A 1 203 ? 6.069   -6.509  15.337  1.00 20.41 ? 203 GLY A CA  1 
ATOM   204 C CA  . ILE A 1 204 ? 5.460   -4.724  12.053  1.00 15.59 ? 204 ILE A CA  1 
ATOM   205 C CA  . VAL A 1 205 ? 2.258   -5.424  10.162  1.00 13.58 ? 205 VAL A CA  1 
ATOM   206 C CA  . VAL A 1 206 ? 2.774   -6.169  6.463   1.00 13.72 ? 206 VAL A CA  1 
ATOM   207 C CA  . THR A 1 207 ? 0.400   -4.821  3.793   1.00 11.04 ? 207 THR A CA  1 
ATOM   208 C CA  . ALA A 1 208 ? 0.515   -6.605  0.410   1.00 11.75 ? 208 ALA A CA  1 
ATOM   209 C CA  . TYR A 1 209 ? 0.047   -4.343  -2.613  1.00 9.88  ? 209 TYR A CA  1 
ATOM   210 C CA  . SER A 1 210 ? -0.561  -5.410  -6.240  1.00 11.83 ? 210 SER A CA  1 
ATOM   211 C CA  . PRO A 1 211 ? -2.114  -8.755  -5.038  1.00 12.62 ? 211 PRO A CA  1 
ATOM   212 C CA  . LEU A 1 212 ? -3.644  -9.412  -8.461  1.00 12.68 ? 212 LEU A CA  1 
ATOM   213 C CA  . GLY A 1 213 ? -0.371  -8.640  -10.239 1.00 14.91 ? 213 GLY A CA  1 
ATOM   214 C CA  . SER A 1 214 ? -1.306  -5.088  -11.273 1.00 14.84 ? 214 SER A CA  1 
ATOM   215 C CA  . PRO A 1 215 ? -2.577  -5.943  -14.782 1.00 16.40 ? 215 PRO A CA  1 
ATOM   216 C CA  . ASP A 1 216 ? -3.289  -2.316  -15.542 1.00 13.76 ? 216 ASP A CA  1 
ATOM   217 C CA  . ARG A 1 217 ? 0.228   -1.111  -14.711 1.00 15.12 ? 217 ARG A CA  1 
ATOM   218 C CA  . PRO A 1 218 ? 1.499   1.217   -17.454 1.00 20.75 ? 218 PRO A CA  1 
ATOM   219 C CA  . TRP A 1 219 ? 4.600   -0.778  -18.395 1.00 22.59 ? 219 TRP A CA  1 
ATOM   220 C CA  . ALA A 1 220 ? 3.016   -4.201  -18.723 1.00 26.28 ? 220 ALA A CA  1 
ATOM   221 C CA  . LYS A 1 221 ? 4.467   -6.212  -21.597 1.00 37.17 ? 221 LYS A CA  1 
ATOM   222 C CA  . PRO A 1 222 ? 2.706   -8.685  -23.920 1.00 42.84 ? 222 PRO A CA  1 
ATOM   223 C CA  . GLU A 1 223 ? 4.966   -11.533 -22.828 1.00 45.70 ? 223 GLU A CA  1 
ATOM   224 C CA  . ASP A 1 224 ? 4.554   -10.795 -19.150 1.00 38.73 ? 224 ASP A CA  1 
ATOM   225 C CA  . PRO A 1 225 ? 2.928   -13.347 -16.825 1.00 32.47 ? 225 PRO A CA  1 
ATOM   226 C CA  . SER A 1 226 ? -0.676  -12.856 -15.764 1.00 28.36 ? 226 SER A CA  1 
ATOM   227 C CA  . LEU A 1 227 ? -1.875  -14.051 -12.348 1.00 22.65 ? 227 LEU A CA  1 
ATOM   228 C CA  . LEU A 1 228 ? -5.594  -13.692 -12.918 1.00 24.90 ? 228 LEU A CA  1 
ATOM   229 C CA  . GLU A 1 229 ? -5.242  -15.842 -16.075 1.00 29.90 ? 229 GLU A CA  1 
ATOM   230 C CA  . ASP A 1 230 ? -2.742  -18.395 -14.696 1.00 19.62 ? 230 ASP A CA  1 
ATOM   231 C CA  . PRO A 1 231 ? -4.504  -21.732 -15.348 1.00 18.72 ? 231 PRO A CA  1 
ATOM   232 C CA  . ARG A 1 232 ? -3.021  -23.252 -12.203 1.00 20.77 ? 232 ARG A CA  1 
ATOM   233 C CA  . ILE A 1 233 ? -4.652  -20.515 -10.147 1.00 21.47 ? 233 ILE A CA  1 
ATOM   234 C CA  . LYS A 1 234 ? -7.911  -20.740 -12.072 1.00 21.45 ? 234 LYS A CA  1 
ATOM   235 C CA  . ALA A 1 235 ? -7.950  -24.367 -10.982 1.00 21.16 ? 235 ALA A CA  1 
ATOM   236 C CA  . ILE A 1 236 ? -7.652  -23.658 -7.264  1.00 19.09 ? 236 ILE A CA  1 
ATOM   237 C CA  . ALA A 1 237 ? -10.494 -21.172 -7.662  1.00 17.51 ? 237 ALA A CA  1 
ATOM   238 C CA  . ALA A 1 238 ? -12.774 -23.635 -9.449  1.00 23.98 ? 238 ALA A CA  1 
ATOM   239 C CA  . LYS A 1 239 ? -12.210 -26.027 -6.558  1.00 28.19 ? 239 LYS A CA  1 
ATOM   240 C CA  . HIS A 1 240 ? -13.725 -23.444 -4.166  1.00 22.26 ? 240 HIS A CA  1 
ATOM   241 C CA  . ASN A 1 241 ? -16.340 -22.044 -6.545  1.00 26.14 ? 241 ASN A CA  1 
ATOM   242 C CA  . LYS A 1 242 ? -14.689 -18.639 -6.342  1.00 22.71 ? 242 LYS A CA  1 
ATOM   243 C CA  . THR A 1 243 ? -13.042 -16.415 -8.956  1.00 18.16 ? 243 THR A CA  1 
ATOM   244 C CA  . THR A 1 244 ? -9.254  -16.213 -9.390  1.00 17.79 ? 244 THR A CA  1 
ATOM   245 C CA  . ALA A 1 245 ? -9.328  -12.678 -7.961  1.00 14.88 ? 245 ALA A CA  1 
ATOM   246 C CA  . GLN A 1 246 ? -11.017 -13.906 -4.789  1.00 14.01 ? 246 GLN A CA  1 
ATOM   247 C CA  . VAL A 1 247 ? -8.394  -16.637 -4.360  1.00 16.50 ? 247 VAL A CA  1 
ATOM   248 C CA  . LEU A 1 248 ? -5.587  -14.099 -4.849  1.00 13.25 ? 248 LEU A CA  1 
ATOM   249 C CA  . ILE A 1 249 ? -7.101  -11.813 -2.196  1.00 13.06 ? 249 ILE A CA  1 
ATOM   250 C CA  . ARG A 1 250 ? -7.701  -14.636 0.241   1.00 12.73 ? 250 ARG A CA  1 
ATOM   251 C CA  . PHE A 1 251 ? -4.099  -15.872 -0.142  1.00 14.03 ? 251 PHE A CA  1 
ATOM   252 C CA  . PRO A 1 252 ? -2.399  -12.960 1.721   1.00 14.51 ? 252 PRO A CA  1 
ATOM   253 C CA  . MET A 1 253 ? -5.120  -12.840 4.388   1.00 14.93 ? 253 MET A CA  1 
ATOM   254 C CA  . GLN A 1 254 ? -4.187  -16.341 5.559   1.00 14.82 ? 254 GLN A CA  1 
ATOM   255 C CA  . ARG A 1 255 ? -0.549  -15.324 5.849   1.00 13.97 ? 255 ARG A CA  1 
ATOM   256 C CA  . ASN A 1 256 ? -1.738  -12.601 8.199   1.00 20.29 ? 256 ASN A CA  1 
ATOM   257 C CA  . LEU A 1 257 ? -1.198  -9.754  5.774   1.00 17.56 ? 257 LEU A CA  1 
ATOM   258 C CA  . VAL A 1 258 ? -3.415  -6.776  5.042   1.00 13.17 ? 258 VAL A CA  1 
ATOM   259 C CA  . VAL A 1 259 ? -4.341  -6.733  1.330   1.00 11.67 ? 259 VAL A CA  1 
ATOM   260 C CA  . ILE A 1 260 ? -5.463  -3.824  -0.835  1.00 9.60  ? 260 ILE A CA  1 
ATOM   261 C CA  . PRO A 1 261 ? -6.807  -4.876  -4.289  1.00 11.75 ? 261 PRO A CA  1 
ATOM   262 C CA  . LYS A 1 262 ? -7.688  -2.012  -6.626  1.00 10.92 ? 262 LYS A CA  1 
ATOM   263 C CA  . SER A 1 263 ? -10.842 -1.719  -8.763  1.00 13.63 ? 263 SER A CA  1 
ATOM   264 C CA  . VAL A 1 264 ? -12.983 1.063   -10.211 1.00 16.05 ? 264 VAL A CA  1 
ATOM   265 C CA  . THR A 1 265 ? -15.586 -1.434  -11.467 1.00 15.93 ? 265 THR A CA  1 
ATOM   266 C CA  . PRO A 1 266 ? -18.570 -1.704  -9.095  1.00 17.14 ? 266 PRO A CA  1 
ATOM   267 C CA  . GLU A 1 267 ? -19.175 -5.363  -9.814  1.00 21.59 ? 267 GLU A CA  1 
ATOM   268 C CA  . ARG A 1 268 ? -15.561 -6.236  -9.099  1.00 13.46 ? 268 ARG A CA  1 
ATOM   269 C CA  . ILE A 1 269 ? -15.458 -4.069  -5.984  1.00 14.78 ? 269 ILE A CA  1 
ATOM   270 C CA  . ALA A 1 270 ? -18.304 -6.128  -4.547  1.00 15.18 ? 270 ALA A CA  1 
ATOM   271 C CA  . GLU A 1 271 ? -16.849 -9.449  -5.740  1.00 16.26 ? 271 GLU A CA  1 
ATOM   272 C CA  . ASN A 1 272 ? -13.456 -8.720  -4.148  1.00 15.00 ? 272 ASN A CA  1 
ATOM   273 C CA  . PHE A 1 273 ? -15.071 -8.134  -0.746  1.00 16.59 ? 273 PHE A CA  1 
ATOM   274 C CA  . LYS A 1 274 ? -16.592 -11.619 -0.686  1.00 19.26 ? 274 LYS A CA  1 
ATOM   275 C CA  . VAL A 1 275 ? -13.537 -13.506 0.558   1.00 18.71 ? 275 VAL A CA  1 
ATOM   276 C CA  . PHE A 1 276 ? -14.467 -14.056 4.189   1.00 24.27 ? 276 PHE A CA  1 
ATOM   277 C CA  . ASP A 1 277 ? -16.656 -17.093 3.612   1.00 26.78 ? 277 ASP A CA  1 
ATOM   278 C CA  . PHE A 1 278 ? -14.064 -19.596 2.409   1.00 22.88 ? 278 PHE A CA  1 
ATOM   279 C CA  . GLU A 1 279 ? -10.756 -21.138 3.485   1.00 28.53 ? 279 GLU A CA  1 
ATOM   280 C CA  . LEU A 1 280 ? -7.748  -21.992 1.282   1.00 21.79 ? 280 LEU A CA  1 
ATOM   281 C CA  . SER A 1 281 ? -6.459  -25.390 2.344   1.00 20.62 ? 281 SER A CA  1 
ATOM   282 C CA  . SER A 1 282 ? -2.957  -26.058 3.569   1.00 24.20 ? 282 SER A CA  1 
ATOM   283 C CA  . GLN A 1 283 ? -2.265  -27.719 0.224   1.00 23.19 ? 283 GLN A CA  1 
ATOM   284 C CA  . ASP A 1 284 ? -3.594  -24.691 -1.706  1.00 18.68 ? 284 ASP A CA  1 
ATOM   285 C CA  . MET A 1 285 ? -1.410  -22.342 0.299   1.00 17.64 ? 285 MET A CA  1 
ATOM   286 C CA  . THR A 1 286 ? 1.676   -24.526 -0.247  1.00 19.20 ? 286 THR A CA  1 
ATOM   287 C CA  . THR A 1 287 ? 0.882   -24.610 -3.945  1.00 19.32 ? 287 THR A CA  1 
ATOM   288 C CA  . LEU A 1 288 ? 0.458   -20.850 -4.355  1.00 17.55 ? 288 LEU A CA  1 
ATOM   289 C CA  . LEU A 1 289 ? 3.699   -20.257 -2.462  1.00 18.20 ? 289 LEU A CA  1 
ATOM   290 C CA  . SER A 1 290 ? 5.558   -22.585 -4.832  1.00 21.47 ? 290 SER A CA  1 
ATOM   291 C CA  . TYR A 1 291 ? 4.742   -20.292 -7.761  1.00 19.86 ? 291 TYR A CA  1 
ATOM   292 C CA  . ASN A 1 292 ? 7.246   -17.740 -6.527  1.00 22.00 ? 292 ASN A CA  1 
ATOM   293 C CA  . ARG A 1 293 ? 9.693   -16.468 -9.101  1.00 27.20 ? 293 ARG A CA  1 
ATOM   294 C CA  . ASN A 1 294 ? 10.890  -13.132 -7.716  1.00 29.12 ? 294 ASN A CA  1 
ATOM   295 C CA  . TRP A 1 295 ? 8.946   -11.436 -10.482 1.00 23.61 ? 295 TRP A CA  1 
ATOM   296 C CA  . ARG A 1 296 ? 8.505   -7.816  -9.419  1.00 22.01 ? 296 ARG A CA  1 
ATOM   297 C CA  . VAL A 1 297 ? 5.928   -5.611  -11.077 1.00 23.94 ? 297 VAL A CA  1 
ATOM   298 C CA  . CYS A 1 298 ? 6.836   -2.317  -9.363  1.00 21.56 ? 298 CYS A CA  1 
ATOM   299 C CA  . ALA A 1 299 ? 10.487  -1.193  -9.658  1.00 25.32 ? 299 ALA A CA  1 
ATOM   300 C CA  . LEU A 1 300 ? 11.414  1.621   -12.098 1.00 27.45 ? 300 LEU A CA  1 
ATOM   301 C CA  . LEU A 1 301 ? 14.827  1.190   -13.691 1.00 26.61 ? 301 LEU A CA  1 
ATOM   302 C CA  . SER A 1 302 ? 15.485  4.931   -13.777 1.00 23.03 ? 302 SER A CA  1 
ATOM   303 C CA  . CYS A 1 303 ? 16.020  4.723   -9.986  1.00 21.25 ? 303 CYS A CA  1 
ATOM   304 C CA  . THR A 1 304 ? 18.531  1.902   -9.753  1.00 21.82 ? 304 THR A CA  1 
ATOM   305 C CA  . SER A 1 305 ? 21.563  4.121   -9.131  1.00 23.73 ? 305 SER A CA  1 
ATOM   306 C CA  . HIS A 1 306 ? 19.838  5.948   -6.266  1.00 18.08 ? 306 HIS A CA  1 
ATOM   307 C CA  . LYS A 1 307 ? 21.791  5.489   -3.067  1.00 20.84 ? 307 LYS A CA  1 
ATOM   308 C CA  . ASP A 1 308 ? 18.685  4.232   -1.288  1.00 18.24 ? 308 ASP A CA  1 
ATOM   309 C CA  . TYR A 1 309 ? 17.324  1.948   -4.019  1.00 16.92 ? 309 TYR A CA  1 
ATOM   310 C CA  . PRO A 1 310 ? 15.809  -0.916  -2.019  1.00 14.32 ? 310 PRO A CA  1 
ATOM   311 C CA  . PHE A 1 311 ? 15.842  -3.842  -4.430  1.00 17.73 ? 311 PHE A CA  1 
ATOM   312 C CA  . HIS A 1 312 ? 19.568  -4.571  -4.631  1.00 26.70 ? 312 HIS A CA  1 
ATOM   313 C CA  . GLU A 1 313 ? 19.449  -6.560  -1.383  1.00 30.44 ? 313 GLU A CA  1 
ATOM   314 C CA  . GLU A 1 314 ? 18.020  -10.069 -1.280  1.00 34.35 ? 314 GLU A CA  1 
ATOM   315 C CA  . PHE A 1 315 ? 15.264  -8.856  1.046   1.00 24.33 ? 315 PHE A CA  1 
HETATM 316 P PA  . NAP B 2 .   ? -3.957  -4.808  -8.374  1.00 12.51 ? 350 NAP A PA  1 
HETATM 317 O O1A . NAP B 2 .   ? -3.076  -5.967  -8.180  1.00 12.00 ? 350 NAP A O1A 1 
HETATM 318 O O2A . NAP B 2 .   ? -4.896  -4.449  -7.293  1.00 13.57 ? 350 NAP A O2A 1 
HETATM 319 O O5B . NAP B 2 .   ? -4.835  -5.092  -9.682  1.00 13.30 ? 350 NAP A O5B 1 
HETATM 320 C C5B . NAP B 2 .   ? -5.691  -4.076  -10.237 1.00 12.75 ? 350 NAP A C5B 1 
HETATM 321 C C4B . NAP B 2 .   ? -6.284  -4.479  -11.588 1.00 12.37 ? 350 NAP A C4B 1 
HETATM 322 O O4B . NAP B 2 .   ? -7.078  -5.650  -11.442 1.00 12.95 ? 350 NAP A O4B 1 
HETATM 323 C C3B . NAP B 2 .   ? -7.178  -3.399  -12.181 1.00 12.53 ? 350 NAP A C3B 1 
HETATM 324 O O3B . NAP B 2 .   ? -6.878  -3.324  -13.580 1.00 11.96 ? 350 NAP A O3B 1 
HETATM 325 C C2B . NAP B 2 .   ? -8.619  -3.878  -11.961 1.00 14.07 ? 350 NAP A C2B 1 
HETATM 326 O O2B . NAP B 2 .   ? -9.459  -3.536  -13.095 1.00 15.62 ? 350 NAP A O2B 1 
HETATM 327 C C1B . NAP B 2 .   ? -8.402  -5.396  -11.915 1.00 13.64 ? 350 NAP A C1B 1 
HETATM 328 N N9A . NAP B 2 .   ? -9.350  -6.132  -11.053 1.00 14.73 ? 350 NAP A N9A 1 
HETATM 329 C C8A . NAP B 2 .   ? -9.731  -5.882  -9.759  1.00 17.28 ? 350 NAP A C8A 1 
HETATM 330 N N7A . NAP B 2 .   ? -10.550 -6.761  -9.264  1.00 16.05 ? 350 NAP A N7A 1 
HETATM 331 C C5A . NAP B 2 .   ? -10.728 -7.664  -10.302 1.00 16.45 ? 350 NAP A C5A 1 
HETATM 332 C C6A . NAP B 2 .   ? -11.501 -8.826  -10.411 1.00 16.46 ? 350 NAP A C6A 1 
HETATM 333 N N6A . NAP B 2 .   ? -12.333 -9.241  -9.453  1.00 14.31 ? 350 NAP A N6A 1 
HETATM 334 N N1A . NAP B 2 .   ? -11.443 -9.483  -11.579 1.00 16.97 ? 350 NAP A N1A 1 
HETATM 335 C C2A . NAP B 2 .   ? -10.681 -9.015  -12.561 1.00 14.84 ? 350 NAP A C2A 1 
HETATM 336 N N3A . NAP B 2 .   ? -9.918  -7.939  -12.587 1.00 14.60 ? 350 NAP A N3A 1 
HETATM 337 C C4A . NAP B 2 .   ? -9.994  -7.294  -11.397 1.00 15.50 ? 350 NAP A C4A 1 
HETATM 338 O O3  . NAP B 2 .   ? -3.046  -3.581  -8.953  1.00 13.37 ? 350 NAP A O3  1 
HETATM 339 P PN  . NAP B 2 .   ? -2.455  -2.340  -8.059  1.00 11.48 ? 350 NAP A PN  1 
HETATM 340 O O1N . NAP B 2 .   ? -3.359  -1.190  -8.268  1.00 11.25 ? 350 NAP A O1N 1 
HETATM 341 O O2N . NAP B 2 .   ? -1.048  -2.202  -8.472  1.00 13.05 ? 350 NAP A O2N 1 
HETATM 342 O O5D . NAP B 2 .   ? -2.357  -2.713  -6.485  1.00 11.59 ? 350 NAP A O5D 1 
HETATM 343 C C5D . NAP B 2 .   ? -3.419  -2.402  -5.582  1.00 10.92 ? 350 NAP A C5D 1 
HETATM 344 C C4D . NAP B 2 .   ? -3.186  -1.162  -4.726  1.00 10.42 ? 350 NAP A C4D 1 
HETATM 345 O O4D . NAP B 2 .   ? -1.988  -1.281  -3.950  1.00 11.20 ? 350 NAP A O4D 1 
HETATM 346 C C3D . NAP B 2 .   ? -2.979  0.090   -5.543  1.00 9.34  ? 350 NAP A C3D 1 
HETATM 347 O O3D . NAP B 2 .   ? -4.195  0.618   -6.052  1.00 9.48  ? 350 NAP A O3D 1 
HETATM 348 C C2D . NAP B 2 .   ? -2.314  1.005   -4.534  1.00 10.63 ? 350 NAP A C2D 1 
HETATM 349 O O2D . NAP B 2 .   ? -3.316  1.538   -3.643  1.00 10.95 ? 350 NAP A O2D 1 
HETATM 350 C C1D . NAP B 2 .   ? -1.408  0.027   -3.781  1.00 9.59  ? 350 NAP A C1D 1 
HETATM 351 N N1N . NAP B 2 .   ? -0.001  0.049   -4.289  1.00 10.99 ? 350 NAP A N1N 1 
HETATM 352 C C2N . NAP B 2 .   ? 0.961   0.588   -3.460  1.00 9.46  ? 350 NAP A C2N 1 
HETATM 353 C C3N . NAP B 2 .   ? 2.296   0.758   -3.988  1.00 10.50 ? 350 NAP A C3N 1 
HETATM 354 C C7N . NAP B 2 .   ? 3.362   1.309   -3.170  1.00 9.37  ? 350 NAP A C7N 1 
HETATM 355 O O7N . NAP B 2 .   ? 4.496   1.504   -3.596  1.00 11.78 ? 350 NAP A O7N 1 
HETATM 356 N N7N . NAP B 2 .   ? 3.131   1.610   -1.892  1.00 10.00 ? 350 NAP A N7N 1 
HETATM 357 C C4N . NAP B 2 .   ? 2.564   0.381   -5.266  1.00 10.26 ? 350 NAP A C4N 1 
HETATM 358 C C5N . NAP B 2 .   ? 1.610   -0.181  -6.041  1.00 9.18  ? 350 NAP A C5N 1 
HETATM 359 C C6N . NAP B 2 .   ? 0.358   -0.348  -5.566  1.00 10.56 ? 350 NAP A C6N 1 
HETATM 360 P P2B . NAP B 2 .   ? -10.513 -2.324  -12.843 1.00 14.48 ? 350 NAP A P2B 1 
HETATM 361 O O1X . NAP B 2 .   ? -9.909  -1.447  -11.817 1.00 14.50 ? 350 NAP A O1X 1 
HETATM 362 O O2X . NAP B 2 .   ? -10.602 -1.697  -14.181 1.00 14.61 ? 350 NAP A O2X 1 
HETATM 363 O O3X . NAP B 2 .   ? -11.781 -2.974  -12.435 1.00 14.96 ? 350 NAP A O3X 1 
HETATM 364 C C1  . ZST C 3 .   ? 5.421   4.442   -10.823 1.00 17.15 ? 351 ZST A C1  1 
HETATM 365 O O1  . ZST C 3 .   ? 6.233   4.688   -11.729 1.00 20.34 ? 351 ZST A O1  1 
HETATM 366 C C2  . ZST C 3 .   ? 4.243   5.241   -10.510 1.00 16.51 ? 351 ZST A C2  1 
HETATM 367 C C3  . ZST C 3 .   ? 3.401   4.842   -9.462  1.00 14.41 ? 351 ZST A C3  1 
HETATM 368 C C4  . ZST C 3 .   ? 3.748   3.629   -8.763  1.00 13.50 ? 351 ZST A C4  1 
HETATM 369 C C5  . ZST C 3 .   ? 4.004   6.444   -11.176 1.00 15.77 ? 351 ZST A C5  1 
HETATM 370 C C6  . ZST C 3 .   ? 2.938   7.228   -10.798 1.00 16.21 ? 351 ZST A C6  1 
HETATM 371 C C7  . ZST C 3 .   ? 2.101   6.842   -9.761  1.00 14.58 ? 351 ZST A C7  1 
HETATM 372 C C8  . ZST C 3 .   ? 2.319   5.664   -9.095  1.00 13.91 ? 351 ZST A C8  1 
HETATM 373 N N1  . ZST C 3 .   ? 5.608   3.340   -10.051 1.00 15.19 ? 351 ZST A N1  1 
HETATM 374 N N2  . ZST C 3 .   ? 4.790   2.917   -9.027  1.00 14.23 ? 351 ZST A N2  1 
HETATM 375 C C9  . ZST C 3 .   ? 6.834   2.549   -10.171 1.00 14.35 ? 351 ZST A C9  1 
HETATM 376 C C10 . ZST C 3 .   ? 7.897   3.060   -9.228  1.00 13.94 ? 351 ZST A C10 1 
HETATM 377 C C11 . ZST C 3 .   ? 9.243   4.398   -7.702  1.00 15.64 ? 351 ZST A C11 1 
HETATM 378 C C12 . ZST C 3 .   ? 9.768   3.139   -8.029  1.00 15.35 ? 351 ZST A C12 1 
HETATM 379 C C13 . ZST C 3 .   ? 9.923   5.248   -6.822  1.00 15.33 ? 351 ZST A C13 1 
HETATM 380 C C14 . ZST C 3 .   ? 11.102  4.826   -6.301  1.00 15.35 ? 351 ZST A C14 1 
HETATM 381 C C15 . ZST C 3 .   ? 11.616  3.580   -6.624  1.00 17.15 ? 351 ZST A C15 1 
HETATM 382 C C16 . ZST C 3 .   ? 10.980  2.725   -7.487  1.00 15.57 ? 351 ZST A C16 1 
HETATM 383 N N3  . ZST C 3 .   ? 8.961   2.398   -8.909  1.00 14.07 ? 351 ZST A N3  1 
HETATM 384 S S1  . ZST C 3 .   ? 7.743   4.631   -8.507  1.00 15.68 ? 351 ZST A S1  1 
HETATM 385 C C17 . ZST C 3 .   ? 2.873   3.055   -7.693  1.00 13.22 ? 351 ZST A C17 1 
HETATM 386 C C18 . ZST C 3 .   ? 3.115   3.637   -6.341  1.00 12.14 ? 351 ZST A C18 1 
HETATM 387 O O2  . ZST C 3 .   ? 4.126   4.358   -6.154  1.00 12.53 ? 351 ZST A O2  1 
HETATM 388 O O3  . ZST C 3 .   ? 2.307   3.408   -5.420  1.00 11.56 ? 351 ZST A O3  1 
HETATM 389 C C19 . ZST C 3 .   ? 12.868  3.153   -5.923  1.00 20.15 ? 351 ZST A C19 1 
HETATM 390 F F1  . ZST C 3 .   ? 12.752  3.259   -4.611  1.00 21.69 ? 351 ZST A F1  1 
HETATM 391 F F2  . ZST C 3 .   ? 13.919  3.854   -6.292  1.00 21.79 ? 351 ZST A F2  1 
HETATM 392 F F3  . ZST C 3 .   ? 13.215  1.896   -6.147  1.00 23.66 ? 351 ZST A F3  1 
# 
